data_4XWL
#
_entry.id   4XWL
#
_cell.length_a   108.243
_cell.length_b   108.243
_cell.length_c   182.989
_cell.angle_alpha   90.000
_cell.angle_beta   90.000
_cell.angle_gamma   90.000
#
_symmetry.space_group_name_H-M   'P 41 21 2'
#
loop_
_entity.id
_entity.type
_entity.pdbx_description
1 polymer 'Exoglucanase S'
2 non-polymer DI(HYDROXYETHYL)ETHER
3 non-polymer 'TETRAETHYLENE GLYCOL'
4 non-polymer 3,6,9,12,15,18-HEXAOXAICOSANE-1,20-DIOL
5 non-polymer 'TRIETHYLENE GLYCOL'
6 non-polymer 'PENTAETHYLENE GLYCOL'
7 non-polymer 1,2-ETHANEDIOL
8 non-polymer 'SULFATE ION'
9 non-polymer 'CALCIUM ION'
10 water water
#
_entity_poly.entity_id   1
_entity_poly.type   'polypeptide(L)'
_entity_poly.pdbx_seq_one_letter_code
;MGSSHHHHHHSSGLVPRGSHMASMTGGQQMGRIEGREFAAPVVPNNEYVQHFKDMYAKIHNANNGYFSDEGIPYHAVETL
MVEAPDYGHETTSEAFSYYMWLEAMNAKLTGDFSGFKKAWDVTEKYIIPGETDQPSASMSNYDPNKPATYAAEHPDPSMY
PSQLQFGAAVGKDPLYNELKSTYGTSQVYGMHWLLDVDNWYGFGGATSTSPVYINTFQRGVQESCWETVPQPCKDEMKYG
GRNGFLDLFTGDSQYATQFKYTNAPDADARAVQATYYAQLAAKEWGVDISSYVAKSTKMGDFLRYSFFDKYFRKVGNSTQ
AGTGYDSAQYLLNWYYAWGGGISSNWSWRIGSSHNHFGYQNPMAAWILSNTSDFKPKSPNAATDWNNSLKRQIEFYQWLQ
SAEGGIAGGASNSNGGSYQAWPAGTRTFYGMGYTPHPVYEDPGSNEWFGMQAWSMQRVAEYYYSSKDPAAKSLLDKWAKW
ACANVQFDDAAKKFKIPAKLVWTGQPDTWTGSYTGNSNLHVKVEAYGEDLGVAGSLSNALSYYAKALESSTDAADKVAYN
TAKETSRKILDYLWASYQDDKGIAVTETRNDFKRFNQSVYIPSGWTGKMPNGDVIQSGATFLSIRSKYKQDPSWPNVEAA
LANGTGVDMTYHRFWGQSDIAIAFGTYGTLFTDPTPGLKGD
;
_entity_poly.pdbx_strand_id   A
#
loop_
_chem_comp.id
_chem_comp.type
_chem_comp.name
_chem_comp.formula
1PE non-polymer 'PENTAETHYLENE GLYCOL' 'C10 H22 O6'
CA non-polymer 'CALCIUM ION' 'Ca 2'
EDO non-polymer 1,2-ETHANEDIOL 'C2 H6 O2'
P33 non-polymer 3,6,9,12,15,18-HEXAOXAICOSANE-1,20-DIOL 'C14 H30 O8'
PEG non-polymer DI(HYDROXYETHYL)ETHER 'C4 H10 O3'
PG4 non-polymer 'TETRAETHYLENE GLYCOL' 'C8 H18 O5'
PGE non-polymer 'TRIETHYLENE GLYCOL' 'C6 H14 O4'
SO4 non-polymer 'SULFATE ION' 'O4 S -2'
#
# COMPACT_ATOMS: atom_id res chain seq x y z
N ALA A 40 32.29 -11.81 -15.05
CA ALA A 40 31.34 -10.73 -14.80
C ALA A 40 30.14 -10.83 -15.73
N PRO A 41 28.94 -10.45 -15.24
CA PRO A 41 27.71 -10.43 -16.03
C PRO A 41 27.76 -9.42 -17.18
N VAL A 42 27.15 -9.75 -18.31
CA VAL A 42 27.04 -8.79 -19.41
C VAL A 42 25.71 -8.03 -19.29
N VAL A 43 25.82 -6.73 -19.07
CA VAL A 43 24.67 -5.87 -18.89
C VAL A 43 24.20 -5.33 -20.24
N PRO A 44 22.89 -5.47 -20.54
CA PRO A 44 22.34 -5.03 -21.82
C PRO A 44 22.62 -3.56 -22.07
N ASN A 45 23.06 -3.26 -23.27
CA ASN A 45 23.16 -1.89 -23.71
C ASN A 45 22.07 -1.62 -24.71
N ASN A 46 20.98 -1.02 -24.25
CA ASN A 46 19.95 -0.55 -25.15
C ASN A 46 19.35 0.72 -24.57
N GLU A 47 18.48 1.37 -25.32
CA GLU A 47 17.96 2.67 -24.91
C GLU A 47 17.14 2.60 -23.65
N TYR A 48 16.50 1.45 -23.39
CA TYR A 48 15.62 1.33 -22.22
C TYR A 48 16.47 1.23 -20.94
N VAL A 49 17.59 0.51 -21.01
CA VAL A 49 18.54 0.52 -19.90
C VAL A 49 19.05 1.95 -19.66
N GLN A 50 19.35 2.67 -20.73
CA GLN A 50 19.85 4.03 -20.59
CA GLN A 50 19.85 4.04 -20.63
C GLN A 50 18.78 4.97 -20.05
N HIS A 51 17.52 4.76 -20.45
CA HIS A 51 16.42 5.54 -19.88
C HIS A 51 16.33 5.31 -18.37
N PHE A 52 16.48 4.05 -17.94
CA PHE A 52 16.48 3.80 -16.50
C PHE A 52 17.56 4.62 -15.81
N LYS A 53 18.76 4.56 -16.37
CA LYS A 53 19.92 5.20 -15.73
C LYS A 53 19.74 6.72 -15.68
N ASP A 54 19.14 7.30 -16.71
CA ASP A 54 18.88 8.74 -16.70
C ASP A 54 17.80 9.09 -15.68
N MET A 55 16.76 8.26 -15.54
CA MET A 55 15.73 8.49 -14.52
C MET A 55 16.34 8.35 -13.12
N TYR A 56 17.15 7.33 -12.95
CA TYR A 56 17.80 7.06 -11.66
C TYR A 56 18.65 8.26 -11.27
N ALA A 57 19.35 8.83 -12.25
CA ALA A 57 20.20 9.99 -12.00
C ALA A 57 19.37 11.20 -11.57
N LYS A 58 18.21 11.37 -12.20
CA LYS A 58 17.32 12.47 -11.82
C LYS A 58 16.78 12.31 -10.41
N ILE A 59 16.41 11.08 -10.05
CA ILE A 59 15.87 10.81 -8.73
C ILE A 59 16.93 11.05 -7.66
N HIS A 60 18.19 10.74 -7.99
CA HIS A 60 19.27 10.92 -7.02
C HIS A 60 19.99 12.26 -7.13
N ASN A 61 19.51 13.14 -8.01
CA ASN A 61 20.09 14.48 -8.14
C ASN A 61 19.60 15.34 -6.98
N ALA A 62 20.52 15.83 -6.15
CA ALA A 62 20.18 16.68 -5.00
C ALA A 62 19.36 17.91 -5.39
N ASN A 63 19.57 18.41 -6.61
CA ASN A 63 18.81 19.56 -7.11
C ASN A 63 17.31 19.28 -7.15
N ASN A 64 16.93 18.02 -7.29
CA ASN A 64 15.53 17.69 -7.50
C ASN A 64 14.75 17.46 -6.20
N GLY A 65 15.46 17.21 -5.10
CA GLY A 65 14.83 17.14 -3.79
C GLY A 65 13.85 16.00 -3.53
N TYR A 66 14.15 14.81 -4.04
CA TYR A 66 13.33 13.65 -3.76
C TYR A 66 13.52 13.09 -2.35
N PHE A 67 14.63 13.48 -1.71
CA PHE A 67 15.03 12.86 -0.43
C PHE A 67 15.24 13.87 0.71
N SER A 68 14.91 13.48 1.93
CA SER A 68 15.18 14.30 3.10
C SER A 68 16.65 14.21 3.51
N ASP A 69 17.04 15.00 4.50
CA ASP A 69 18.40 14.96 5.04
C ASP A 69 18.82 13.55 5.49
N GLU A 70 17.87 12.79 6.05
CA GLU A 70 18.12 11.41 6.48
C GLU A 70 18.28 10.42 5.32
N GLY A 71 17.86 10.84 4.13
CA GLY A 71 17.85 9.93 2.99
C GLY A 71 16.51 9.23 2.86
N ILE A 72 15.48 9.80 3.49
CA ILE A 72 14.12 9.29 3.37
C ILE A 72 13.47 9.86 2.13
N PRO A 73 12.89 8.99 1.28
CA PRO A 73 12.18 9.48 0.10
C PRO A 73 10.88 10.15 0.50
N TYR A 74 10.68 11.41 0.11
CA TYR A 74 9.39 12.07 0.33
C TYR A 74 8.31 11.41 -0.54
N HIS A 75 7.04 11.61 -0.19
CA HIS A 75 5.97 11.15 -1.07
C HIS A 75 6.13 11.75 -2.47
N ALA A 76 6.49 13.02 -2.52
CA ALA A 76 6.71 13.71 -3.79
C ALA A 76 7.66 14.86 -3.59
N VAL A 77 8.20 15.38 -4.71
CA VAL A 77 9.05 16.56 -4.69
C VAL A 77 8.25 17.72 -4.13
N GLU A 78 7.01 17.83 -4.59
CA GLU A 78 6.14 18.93 -4.26
C GLU A 78 5.48 18.74 -2.89
N THR A 79 5.16 19.84 -2.22
CA THR A 79 4.58 19.78 -0.87
C THR A 79 3.06 19.86 -0.86
N LEU A 80 2.50 20.66 -1.76
CA LEU A 80 1.04 20.88 -1.72
C LEU A 80 0.31 19.80 -2.48
N MET A 81 -0.12 18.78 -1.76
CA MET A 81 -0.90 17.70 -2.36
C MET A 81 -1.55 16.88 -1.27
N VAL A 82 -2.76 16.43 -1.56
CA VAL A 82 -3.56 15.69 -0.61
C VAL A 82 -4.04 14.42 -1.29
N GLU A 83 -3.51 13.29 -0.86
CA GLU A 83 -3.81 11.99 -1.47
C GLU A 83 -3.96 11.01 -0.31
N ALA A 84 -3.29 9.87 -0.35
CA ALA A 84 -3.29 9.01 0.83
C ALA A 84 -2.54 9.73 1.97
N PRO A 85 -1.29 10.18 1.74
CA PRO A 85 -0.78 11.17 2.69
C PRO A 85 -1.41 12.54 2.41
N ASP A 86 -1.59 13.39 3.42
CA ASP A 86 -2.26 14.66 3.17
C ASP A 86 -1.26 15.83 3.08
N TYR A 87 0.03 15.52 2.99
CA TYR A 87 1.07 16.54 2.75
C TYR A 87 2.20 15.89 1.95
N GLY A 88 2.73 16.60 0.97
CA GLY A 88 3.67 16.00 0.03
C GLY A 88 5.00 15.57 0.64
N HIS A 89 5.40 16.18 1.75
CA HIS A 89 6.65 15.78 2.41
C HIS A 89 6.39 14.97 3.69
N GLU A 90 5.18 14.45 3.82
CA GLU A 90 5.04 13.18 4.51
C GLU A 90 5.63 12.12 3.59
N THR A 91 5.73 10.88 4.06
CA THR A 91 5.90 9.79 3.12
C THR A 91 5.24 8.54 3.68
N THR A 92 5.20 7.49 2.86
CA THR A 92 4.56 6.24 3.23
C THR A 92 5.56 5.10 3.19
N SER A 93 5.22 3.99 3.83
CA SER A 93 6.07 2.81 3.72
C SER A 93 6.12 2.36 2.26
N GLU A 94 5.10 2.69 1.45
CA GLU A 94 5.15 2.38 0.02
C GLU A 94 6.40 2.98 -0.62
N ALA A 95 6.70 4.22 -0.26
CA ALA A 95 7.84 4.91 -0.85
C ALA A 95 9.15 4.23 -0.46
N PHE A 96 9.25 3.77 0.78
CA PHE A 96 10.47 3.07 1.20
C PHE A 96 10.67 1.81 0.36
N SER A 97 9.61 1.04 0.13
CA SER A 97 9.78 -0.19 -0.61
C SER A 97 10.00 0.08 -2.11
N TYR A 98 9.42 1.17 -2.62
CA TYR A 98 9.73 1.56 -4.01
C TYR A 98 11.20 1.98 -4.12
N TYR A 99 11.72 2.61 -3.06
CA TYR A 99 13.12 3.03 -3.02
C TYR A 99 14.00 1.76 -3.09
N MET A 100 13.69 0.75 -2.28
CA MET A 100 14.42 -0.53 -2.38
C MET A 100 14.39 -1.10 -3.80
N TRP A 101 13.20 -1.08 -4.40
CA TRP A 101 13.01 -1.65 -5.74
C TRP A 101 13.86 -0.91 -6.78
N LEU A 102 13.81 0.42 -6.74
CA LEU A 102 14.63 1.24 -7.62
C LEU A 102 16.11 0.90 -7.48
N GLU A 103 16.57 0.77 -6.24
CA GLU A 103 17.97 0.49 -5.98
C GLU A 103 18.35 -0.93 -6.40
N ALA A 104 17.40 -1.85 -6.27
CA ALA A 104 17.62 -3.23 -6.70
C ALA A 104 17.85 -3.28 -8.21
N MET A 105 17.04 -2.54 -8.96
CA MET A 105 17.21 -2.47 -10.41
C MET A 105 18.55 -1.81 -10.76
N ASN A 106 18.92 -0.77 -10.05
CA ASN A 106 20.21 -0.15 -10.33
C ASN A 106 21.37 -1.09 -10.06
N ALA A 107 21.28 -1.85 -8.96
CA ALA A 107 22.31 -2.82 -8.64
C ALA A 107 22.42 -3.90 -9.73
N LYS A 108 21.27 -4.33 -10.22
CA LYS A 108 21.19 -5.28 -11.32
C LYS A 108 21.99 -4.77 -12.53
N LEU A 109 21.77 -3.50 -12.89
CA LEU A 109 22.35 -2.94 -14.08
C LEU A 109 23.79 -2.48 -13.90
N THR A 110 24.23 -2.24 -12.66
CA THR A 110 25.56 -1.66 -12.45
C THR A 110 26.49 -2.53 -11.63
N GLY A 111 25.94 -3.48 -10.88
CA GLY A 111 26.76 -4.27 -9.97
C GLY A 111 27.12 -3.54 -8.68
N ASP A 112 26.58 -2.33 -8.52
CA ASP A 112 26.83 -1.54 -7.31
C ASP A 112 25.65 -1.68 -6.36
N PHE A 113 25.87 -2.27 -5.20
CA PHE A 113 24.77 -2.53 -4.26
C PHE A 113 24.73 -1.54 -3.09
N SER A 114 25.61 -0.55 -3.09
CA SER A 114 25.67 0.38 -1.98
C SER A 114 24.34 1.16 -1.82
N GLY A 115 23.69 1.48 -2.94
CA GLY A 115 22.43 2.22 -2.88
C GLY A 115 21.29 1.39 -2.29
N PHE A 116 21.32 0.10 -2.59
CA PHE A 116 20.29 -0.81 -2.11
C PHE A 116 20.45 -1.00 -0.60
N LYS A 117 21.70 -1.16 -0.15
CA LYS A 117 21.96 -1.25 1.28
C LYS A 117 21.51 0.04 1.99
N LYS A 118 21.80 1.18 1.39
CA LYS A 118 21.41 2.47 1.97
C LYS A 118 19.90 2.53 2.16
N ALA A 119 19.15 2.04 1.17
CA ALA A 119 17.69 2.04 1.25
C ALA A 119 17.16 1.19 2.41
N TRP A 120 17.71 -0.01 2.59
CA TRP A 120 17.31 -0.81 3.75
C TRP A 120 17.73 -0.16 5.07
N ASP A 121 18.92 0.43 5.10
CA ASP A 121 19.41 1.04 6.33
C ASP A 121 18.48 2.17 6.82
N VAL A 122 18.03 3.04 5.91
CA VAL A 122 17.18 4.14 6.33
CA VAL A 122 17.14 4.13 6.30
C VAL A 122 15.78 3.60 6.68
N THR A 123 15.36 2.51 6.03
CA THR A 123 14.08 1.89 6.31
C THR A 123 14.05 1.42 7.75
N GLU A 124 15.05 0.63 8.10
CA GLU A 124 15.10 0.07 9.44
C GLU A 124 15.27 1.16 10.50
N LYS A 125 16.00 2.22 10.16
CA LYS A 125 16.23 3.30 11.12
C LYS A 125 14.97 4.17 11.34
N TYR A 126 14.18 4.40 10.30
CA TYR A 126 13.16 5.45 10.38
C TYR A 126 11.69 5.07 10.15
N ILE A 127 11.39 3.86 9.67
CA ILE A 127 9.99 3.53 9.41
C ILE A 127 9.61 2.19 10.08
N ILE A 128 10.60 1.44 10.56
CA ILE A 128 10.30 0.28 11.40
C ILE A 128 10.48 0.72 12.86
N PRO A 129 9.38 0.76 13.63
CA PRO A 129 9.47 1.34 14.98
C PRO A 129 10.53 0.66 15.83
N GLY A 130 11.37 1.48 16.48
CA GLY A 130 12.44 0.97 17.33
C GLY A 130 12.09 0.96 18.80
N GLU A 131 13.10 0.84 19.66
CA GLU A 131 12.87 0.66 21.09
C GLU A 131 12.06 1.79 21.75
N THR A 132 12.38 3.05 21.46
CA THR A 132 11.62 4.15 22.05
C THR A 132 10.25 4.29 21.41
N ASP A 133 10.03 3.60 20.30
CA ASP A 133 8.75 3.70 19.61
C ASP A 133 7.75 2.64 20.07
N GLN A 134 8.27 1.43 20.33
CA GLN A 134 7.45 0.31 20.81
C GLN A 134 8.21 -0.38 21.97
N PRO A 135 8.19 0.26 23.15
CA PRO A 135 8.92 -0.19 24.35
C PRO A 135 8.83 -1.69 24.55
N SER A 136 9.95 -2.37 24.71
CA SER A 136 9.93 -3.83 24.82
C SER A 136 9.09 -4.30 26.01
N ALA A 137 9.09 -3.53 27.09
CA ALA A 137 8.36 -3.93 28.30
C ALA A 137 6.86 -4.05 28.03
N SER A 138 6.34 -3.16 27.19
CA SER A 138 4.93 -3.26 26.80
C SER A 138 4.70 -4.45 25.88
N MET A 139 5.54 -4.56 24.85
CA MET A 139 5.39 -5.66 23.89
C MET A 139 5.50 -7.03 24.59
N SER A 140 6.38 -7.15 25.58
CA SER A 140 6.59 -8.41 26.30
CA SER A 140 6.58 -8.42 26.28
C SER A 140 5.41 -8.80 27.18
N ASN A 141 4.55 -7.83 27.51
CA ASN A 141 3.39 -8.15 28.34
CA ASN A 141 3.38 -8.12 28.34
C ASN A 141 2.14 -8.45 27.52
N TYR A 142 2.34 -8.84 26.26
CA TYR A 142 1.25 -9.22 25.39
C TYR A 142 0.60 -10.55 25.79
N ASP A 143 -0.72 -10.64 25.64
CA ASP A 143 -1.42 -11.90 25.88
C ASP A 143 -2.00 -12.42 24.56
N PRO A 144 -1.42 -13.49 24.00
CA PRO A 144 -1.94 -13.96 22.71
C PRO A 144 -3.33 -14.57 22.85
N ASN A 145 -3.76 -14.88 24.07
CA ASN A 145 -5.13 -15.33 24.30
C ASN A 145 -6.11 -14.17 24.44
N LYS A 146 -5.58 -12.96 24.64
CA LYS A 146 -6.39 -11.75 24.69
C LYS A 146 -5.70 -10.65 23.91
N PRO A 147 -5.67 -10.78 22.57
CA PRO A 147 -4.84 -9.90 21.73
C PRO A 147 -5.28 -8.44 21.76
N ALA A 148 -6.57 -8.17 21.95
CA ALA A 148 -7.08 -6.81 21.84
C ALA A 148 -8.48 -6.76 22.43
N THR A 149 -9.05 -5.57 22.54
CA THR A 149 -10.43 -5.41 22.96
C THR A 149 -11.27 -4.96 21.77
N TYR A 150 -12.39 -5.61 21.54
CA TYR A 150 -13.26 -5.29 20.41
C TYR A 150 -13.87 -3.88 20.49
N ALA A 151 -13.83 -3.20 19.35
CA ALA A 151 -14.65 -2.01 19.11
C ALA A 151 -15.18 -2.07 17.68
N ALA A 152 -16.40 -1.58 17.46
CA ALA A 152 -17.00 -1.61 16.13
C ALA A 152 -16.44 -0.51 15.23
N GLU A 153 -16.42 -0.77 13.92
CA GLU A 153 -16.21 0.28 12.93
C GLU A 153 -17.58 0.85 12.57
N HIS A 154 -17.64 2.10 12.12
CA HIS A 154 -18.94 2.71 11.82
C HIS A 154 -18.98 3.37 10.43
N PRO A 155 -20.18 3.47 9.85
CA PRO A 155 -20.29 3.99 8.48
C PRO A 155 -20.14 5.51 8.33
N ASP A 156 -19.88 6.23 9.43
CA ASP A 156 -19.65 7.68 9.34
C ASP A 156 -18.74 8.12 10.49
N PRO A 157 -17.82 9.07 10.22
CA PRO A 157 -16.92 9.54 11.27
C PRO A 157 -17.65 10.12 12.48
N SER A 158 -18.87 10.60 12.27
CA SER A 158 -19.64 11.24 13.35
C SER A 158 -20.08 10.22 14.39
N MET A 159 -19.85 8.94 14.11
CA MET A 159 -20.23 7.89 15.05
C MET A 159 -19.05 7.44 15.91
N TYR A 160 -17.93 8.15 15.78
CA TYR A 160 -16.76 7.93 16.61
C TYR A 160 -16.69 9.00 17.71
N PRO A 161 -16.08 8.68 18.88
CA PRO A 161 -15.33 7.48 19.24
C PRO A 161 -16.19 6.23 19.35
N SER A 162 -15.57 5.08 19.08
CA SER A 162 -16.24 3.80 19.19
C SER A 162 -15.94 3.19 20.55
N GLN A 163 -16.99 2.76 21.25
CA GLN A 163 -16.87 2.22 22.61
C GLN A 163 -16.16 0.86 22.64
N LEU A 164 -15.17 0.71 23.53
CA LEU A 164 -14.60 -0.61 23.78
C LEU A 164 -15.64 -1.53 24.37
N GLN A 165 -15.71 -2.75 23.86
CA GLN A 165 -16.65 -3.73 24.41
C GLN A 165 -15.85 -4.87 25.01
N PHE A 166 -15.69 -4.85 26.33
CA PHE A 166 -14.82 -5.80 27.00
C PHE A 166 -15.43 -7.21 27.04
N GLY A 167 -16.74 -7.28 26.85
CA GLY A 167 -17.43 -8.56 26.79
C GLY A 167 -17.45 -9.24 25.42
N ALA A 168 -17.09 -8.50 24.38
CA ALA A 168 -17.19 -9.02 23.02
C ALA A 168 -16.06 -10.01 22.70
N ALA A 169 -16.38 -10.99 21.85
CA ALA A 169 -15.46 -12.07 21.52
C ALA A 169 -14.23 -11.59 20.77
N VAL A 170 -13.07 -12.07 21.20
CA VAL A 170 -11.81 -11.87 20.48
C VAL A 170 -11.08 -13.21 20.47
N GLY A 171 -10.52 -13.58 19.32
CA GLY A 171 -9.90 -14.89 19.19
C GLY A 171 -8.44 -14.92 19.62
N LYS A 172 -7.77 -16.03 19.38
CA LYS A 172 -6.38 -16.20 19.76
C LYS A 172 -5.41 -15.87 18.62
N ASP A 173 -4.31 -15.23 18.98
CA ASP A 173 -3.19 -14.94 18.09
C ASP A 173 -2.26 -16.17 18.01
N PRO A 174 -2.21 -16.86 16.86
CA PRO A 174 -1.40 -18.08 16.76
C PRO A 174 0.04 -17.82 16.26
N LEU A 175 0.38 -16.56 15.98
CA LEU A 175 1.72 -16.22 15.49
C LEU A 175 2.70 -15.79 16.59
N TYR A 176 2.16 -15.14 17.62
CA TYR A 176 2.98 -14.43 18.59
C TYR A 176 4.09 -15.29 19.22
N ASN A 177 3.72 -16.45 19.76
CA ASN A 177 4.68 -17.31 20.45
C ASN A 177 5.79 -17.78 19.55
N GLU A 178 5.43 -18.15 18.31
CA GLU A 178 6.42 -18.59 17.34
C GLU A 178 7.41 -17.47 16.99
N LEU A 179 6.89 -16.28 16.75
CA LEU A 179 7.73 -15.13 16.41
C LEU A 179 8.64 -14.74 17.57
N LYS A 180 8.10 -14.79 18.78
CA LYS A 180 8.85 -14.45 19.98
C LYS A 180 9.99 -15.44 20.20
N SER A 181 9.69 -16.73 20.07
CA SER A 181 10.70 -17.77 20.20
CA SER A 181 10.70 -17.77 20.20
CA SER A 181 10.72 -17.74 20.22
C SER A 181 11.76 -17.64 19.11
N THR A 182 11.32 -17.31 17.91
CA THR A 182 12.23 -17.21 16.77
C THR A 182 13.18 -16.01 16.87
N TYR A 183 12.67 -14.85 17.24
CA TYR A 183 13.50 -13.64 17.19
C TYR A 183 13.97 -13.15 18.55
N GLY A 184 13.57 -13.84 19.62
CA GLY A 184 14.04 -13.52 20.96
C GLY A 184 13.56 -12.19 21.50
N THR A 185 12.41 -11.73 21.00
CA THR A 185 11.83 -10.46 21.43
C THR A 185 10.34 -10.48 21.13
N SER A 186 9.57 -9.63 21.81
CA SER A 186 8.15 -9.49 21.48
C SER A 186 7.88 -8.32 20.52
N GLN A 187 8.92 -7.57 20.17
CA GLN A 187 8.73 -6.43 19.28
C GLN A 187 8.44 -6.86 17.85
N VAL A 188 7.79 -5.98 17.09
CA VAL A 188 7.31 -6.29 15.75
C VAL A 188 8.23 -5.67 14.69
N TYR A 189 8.62 -6.47 13.70
CA TYR A 189 9.49 -5.95 12.64
C TYR A 189 8.65 -5.77 11.37
N GLY A 190 7.94 -4.65 11.30
CA GLY A 190 7.13 -4.32 10.14
C GLY A 190 7.14 -2.80 9.98
N MET A 191 6.85 -2.31 8.78
CA MET A 191 6.88 -0.85 8.58
C MET A 191 5.57 -0.21 9.02
N HIS A 192 5.65 0.92 9.71
CA HIS A 192 4.46 1.74 9.93
C HIS A 192 4.17 2.48 8.63
N TRP A 193 2.91 2.76 8.32
CA TRP A 193 2.59 3.16 6.95
C TRP A 193 2.80 4.65 6.65
N LEU A 194 2.77 5.51 7.67
CA LEU A 194 2.80 6.96 7.42
C LEU A 194 3.82 7.71 8.30
N LEU A 195 4.70 8.49 7.67
CA LEU A 195 5.78 9.18 8.39
C LEU A 195 5.77 10.68 8.09
N ASP A 196 5.81 11.49 9.14
CA ASP A 196 5.96 12.93 8.98
C ASP A 196 7.45 13.24 8.93
N VAL A 197 8.02 13.22 7.71
CA VAL A 197 9.47 13.12 7.52
C VAL A 197 10.25 14.27 8.15
N ASP A 198 9.74 15.50 7.98
CA ASP A 198 10.39 16.70 8.52
C ASP A 198 9.56 17.32 9.66
N ASN A 199 8.75 16.51 10.34
CA ASN A 199 7.99 17.02 11.49
C ASN A 199 7.12 18.24 11.13
N TRP A 200 6.45 18.18 9.98
CA TRP A 200 5.63 19.30 9.52
C TRP A 200 4.47 19.61 10.47
N TYR A 201 3.84 18.57 11.02
CA TYR A 201 2.77 18.78 12.00
C TYR A 201 3.27 19.30 13.35
N GLY A 202 4.56 19.11 13.64
CA GLY A 202 5.12 19.60 14.88
C GLY A 202 4.88 18.72 16.11
N PHE A 203 4.40 17.48 15.90
CA PHE A 203 4.24 16.54 17.02
C PHE A 203 5.59 16.19 17.64
N GLY A 204 6.67 16.42 16.91
CA GLY A 204 8.01 16.15 17.41
C GLY A 204 8.59 17.33 18.16
N GLY A 205 7.80 18.38 18.33
CA GLY A 205 8.29 19.58 19.03
C GLY A 205 8.55 20.70 18.06
N ALA A 206 8.76 21.89 18.60
CA ALA A 206 8.77 23.11 17.80
C ALA A 206 10.11 23.37 17.11
N THR A 207 11.17 22.72 17.59
CA THR A 207 12.51 22.94 17.05
C THR A 207 13.17 21.63 16.61
N SER A 208 12.49 20.91 15.74
CA SER A 208 12.97 19.62 15.28
C SER A 208 12.45 19.36 13.89
N THR A 209 13.28 18.79 13.03
CA THR A 209 12.75 18.28 11.78
C THR A 209 13.00 16.78 11.67
N SER A 210 13.25 16.12 12.80
CA SER A 210 13.36 14.66 12.82
C SER A 210 12.02 14.03 12.48
N PRO A 211 12.04 12.88 11.79
CA PRO A 211 10.81 12.20 11.37
C PRO A 211 9.95 11.77 12.54
N VAL A 212 8.64 11.86 12.37
CA VAL A 212 7.71 11.51 13.41
C VAL A 212 6.70 10.52 12.85
N TYR A 213 6.48 9.40 13.55
CA TYR A 213 5.44 8.46 13.13
C TYR A 213 4.08 9.09 13.39
N ILE A 214 3.23 9.15 12.37
CA ILE A 214 1.90 9.74 12.55
C ILE A 214 0.79 8.86 11.96
N ASN A 215 -0.44 9.13 12.39
CA ASN A 215 -1.65 8.47 11.87
CA ASN A 215 -1.58 8.50 11.73
C ASN A 215 -2.62 9.54 11.36
N THR A 216 -3.44 9.19 10.38
CA THR A 216 -4.51 10.10 9.98
C THR A 216 -5.82 9.30 10.01
N PHE A 217 -6.06 8.48 8.99
CA PHE A 217 -7.30 7.70 8.90
C PHE A 217 -7.53 6.85 10.14
N GLN A 218 -8.73 6.98 10.72
CA GLN A 218 -9.11 6.22 11.93
C GLN A 218 -10.59 5.96 12.03
N ARG A 219 -11.39 6.73 11.31
CA ARG A 219 -12.83 6.74 11.58
C ARG A 219 -13.63 6.16 10.42
N GLY A 220 -13.14 5.04 9.90
CA GLY A 220 -13.96 4.18 9.07
C GLY A 220 -14.06 4.52 7.60
N VAL A 221 -15.00 3.83 6.97
CA VAL A 221 -15.15 3.80 5.53
CA VAL A 221 -15.18 3.80 5.54
C VAL A 221 -15.45 5.16 4.89
N GLN A 222 -16.14 6.05 5.61
CA GLN A 222 -16.51 7.33 5.01
C GLN A 222 -15.62 8.49 5.43
N GLU A 223 -14.50 8.20 6.08
CA GLU A 223 -13.55 9.25 6.44
C GLU A 223 -12.55 9.44 5.31
N SER A 224 -12.82 10.41 4.43
CA SER A 224 -11.90 10.71 3.33
C SER A 224 -10.63 11.39 3.86
N CYS A 225 -9.64 11.54 2.99
CA CYS A 225 -8.39 12.22 3.32
C CYS A 225 -8.64 13.64 3.82
N TRP A 226 -9.78 14.21 3.45
CA TRP A 226 -10.13 15.58 3.84
C TRP A 226 -10.76 15.66 5.22
N GLU A 227 -11.05 14.51 5.82
CA GLU A 227 -11.91 14.50 7.00
C GLU A 227 -11.25 13.93 8.25
N THR A 228 -9.94 13.72 8.18
CA THR A 228 -9.18 13.14 9.27
C THR A 228 -8.69 14.17 10.28
N VAL A 229 -8.27 13.70 11.45
CA VAL A 229 -7.50 14.52 12.38
C VAL A 229 -6.14 13.88 12.58
N PRO A 230 -5.07 14.54 12.10
CA PRO A 230 -3.73 13.94 12.25
C PRO A 230 -3.37 13.72 13.71
N GLN A 231 -2.69 12.62 14.01
CA GLN A 231 -2.31 12.35 15.38
C GLN A 231 -0.90 11.72 15.43
N PRO A 232 -0.19 11.89 16.55
CA PRO A 232 1.09 11.18 16.68
C PRO A 232 0.84 9.71 17.00
N CYS A 233 1.64 8.81 16.45
CA CYS A 233 1.49 7.38 16.77
C CYS A 233 1.77 7.15 18.25
N LYS A 234 2.72 7.93 18.74
CA LYS A 234 3.09 7.92 20.15
C LYS A 234 2.32 9.05 20.83
N ASP A 235 1.17 8.74 21.41
CA ASP A 235 0.34 9.78 22.01
C ASP A 235 0.64 9.90 23.49
N GLU A 236 1.45 10.90 23.82
CA GLU A 236 1.78 11.19 25.20
C GLU A 236 0.94 12.35 25.71
N MET A 237 -0.11 12.66 24.97
CA MET A 237 -1.09 13.68 25.37
C MET A 237 -0.47 15.06 25.53
N LYS A 238 0.65 15.30 24.87
CA LYS A 238 1.24 16.63 24.84
C LYS A 238 0.42 17.55 23.93
N TYR A 239 -0.20 16.98 22.91
CA TYR A 239 -1.01 17.75 21.96
C TYR A 239 -2.41 17.18 21.85
N GLY A 240 -3.32 17.90 21.19
CA GLY A 240 -4.70 17.47 21.11
C GLY A 240 -5.49 18.02 22.28
N GLY A 241 -6.32 17.19 22.91
CA GLY A 241 -7.12 17.62 24.03
C GLY A 241 -6.67 17.01 25.35
N ARG A 242 -7.58 16.93 26.32
CA ARG A 242 -7.29 16.38 27.65
C ARG A 242 -6.62 15.02 27.57
N ASN A 243 -7.12 14.18 26.66
CA ASN A 243 -6.60 12.83 26.52
C ASN A 243 -5.81 12.67 25.21
N GLY A 244 -5.06 13.70 24.85
CA GLY A 244 -4.40 13.72 23.56
C GLY A 244 -5.45 13.65 22.46
N PHE A 245 -5.27 12.71 21.53
CA PHE A 245 -6.24 12.50 20.44
C PHE A 245 -7.04 11.23 20.65
N LEU A 246 -6.74 10.51 21.73
CA LEU A 246 -7.23 9.15 21.92
C LEU A 246 -8.77 9.06 21.92
N ASP A 247 -9.44 9.99 22.60
CA ASP A 247 -10.90 9.88 22.75
C ASP A 247 -11.68 10.46 21.57
N LEU A 248 -10.99 10.78 20.48
CA LEU A 248 -11.67 11.03 19.21
C LEU A 248 -12.10 9.71 18.59
N PHE A 249 -11.35 8.65 18.91
CA PHE A 249 -11.46 7.38 18.17
C PHE A 249 -11.96 6.23 19.03
N THR A 250 -11.52 6.21 20.28
CA THR A 250 -11.83 5.10 21.18
C THR A 250 -12.56 5.58 22.42
N GLY A 251 -13.66 4.90 22.75
CA GLY A 251 -14.44 5.22 23.93
C GLY A 251 -14.07 4.32 25.10
N ASP A 252 -13.58 4.94 26.17
CA ASP A 252 -13.18 4.24 27.37
C ASP A 252 -13.35 5.17 28.57
N SER A 253 -13.31 4.62 29.78
CA SER A 253 -13.55 5.42 30.99
C SER A 253 -12.31 6.17 31.43
N GLN A 254 -11.13 5.66 31.08
CA GLN A 254 -9.86 6.33 31.35
C GLN A 254 -8.92 6.15 30.16
N TYR A 255 -7.92 7.02 30.05
CA TYR A 255 -6.96 6.96 28.94
C TYR A 255 -5.54 7.06 29.48
N ALA A 256 -4.64 6.24 28.94
CA ALA A 256 -3.23 6.29 29.34
C ALA A 256 -2.38 6.52 28.11
N THR A 257 -1.21 7.14 28.28
CA THR A 257 -0.32 7.38 27.15
C THR A 257 0.03 6.03 26.50
N GLN A 258 0.14 6.02 25.18
CA GLN A 258 0.25 4.77 24.46
C GLN A 258 0.77 4.99 23.05
N PHE A 259 1.24 3.92 22.44
CA PHE A 259 1.65 3.94 21.05
C PHE A 259 0.73 3.06 20.21
N LYS A 260 0.69 3.35 18.92
CA LYS A 260 0.02 2.51 17.93
C LYS A 260 0.65 2.66 16.55
N TYR A 261 0.97 1.54 15.93
CA TYR A 261 1.52 1.53 14.57
C TYR A 261 0.62 0.69 13.69
N THR A 262 0.54 1.09 12.42
CA THR A 262 -0.36 0.42 11.49
C THR A 262 0.41 0.10 10.22
N ASN A 263 0.46 -1.19 9.88
CA ASN A 263 1.19 -1.69 8.72
C ASN A 263 0.38 -1.54 7.42
N ALA A 264 1.06 -1.28 6.29
CA ALA A 264 0.43 -1.42 4.97
C ALA A 264 1.05 -2.64 4.31
N PRO A 265 0.33 -3.78 4.33
CA PRO A 265 0.93 -5.05 3.91
C PRO A 265 1.51 -5.04 2.51
N ASP A 266 0.95 -4.24 1.60
CA ASP A 266 1.46 -4.26 0.25
C ASP A 266 2.86 -3.62 0.20
N ALA A 267 3.15 -2.70 1.11
CA ALA A 267 4.48 -2.07 1.14
C ALA A 267 5.55 -3.04 1.62
N ASP A 268 5.25 -3.77 2.70
CA ASP A 268 6.19 -4.76 3.22
C ASP A 268 6.38 -5.89 2.22
N ALA A 269 5.32 -6.27 1.52
CA ALA A 269 5.44 -7.32 0.49
C ALA A 269 6.35 -6.85 -0.65
N ARG A 270 6.21 -5.59 -1.03
CA ARG A 270 7.07 -5.04 -2.09
C ARG A 270 8.54 -5.03 -1.65
N ALA A 271 8.78 -4.84 -0.35
CA ALA A 271 10.15 -4.88 0.16
C ALA A 271 10.76 -6.27 -0.08
N VAL A 272 9.96 -7.31 0.11
CA VAL A 272 10.41 -8.68 -0.18
C VAL A 272 10.66 -8.86 -1.68
N GLN A 273 9.71 -8.40 -2.49
CA GLN A 273 9.82 -8.43 -3.95
C GLN A 273 11.11 -7.73 -4.45
N ALA A 274 11.40 -6.57 -3.90
CA ALA A 274 12.60 -5.82 -4.27
C ALA A 274 13.88 -6.55 -3.87
N THR A 275 13.88 -7.12 -2.67
CA THR A 275 15.09 -7.70 -2.13
C THR A 275 15.41 -9.00 -2.87
N TYR A 276 14.37 -9.71 -3.30
CA TYR A 276 14.57 -10.88 -4.15
C TYR A 276 15.25 -10.48 -5.47
N TYR A 277 14.76 -9.42 -6.10
CA TYR A 277 15.36 -8.94 -7.34
C TYR A 277 16.83 -8.57 -7.11
N ALA A 278 17.10 -7.91 -5.98
CA ALA A 278 18.48 -7.57 -5.62
C ALA A 278 19.37 -8.81 -5.42
N GLN A 279 18.82 -9.81 -4.74
CA GLN A 279 19.58 -11.04 -4.45
C GLN A 279 19.89 -11.86 -5.71
N LEU A 280 18.95 -11.91 -6.66
CA LEU A 280 19.21 -12.50 -7.97
C LEU A 280 20.41 -11.83 -8.63
N ALA A 281 20.42 -10.50 -8.61
CA ALA A 281 21.54 -9.76 -9.17
C ALA A 281 22.82 -9.99 -8.36
N ALA A 282 22.70 -10.06 -7.04
CA ALA A 282 23.88 -10.18 -6.19
C ALA A 282 24.60 -11.50 -6.46
N LYS A 283 23.82 -12.56 -6.70
CA LYS A 283 24.41 -13.87 -6.95
C LYS A 283 25.15 -13.86 -8.28
N GLU A 284 24.62 -13.14 -9.26
CA GLU A 284 25.29 -13.05 -10.55
C GLU A 284 26.52 -12.15 -10.52
N TRP A 285 26.47 -11.07 -9.73
CA TRP A 285 27.59 -10.14 -9.63
C TRP A 285 28.63 -10.65 -8.63
N GLY A 286 28.25 -11.61 -7.80
CA GLY A 286 29.16 -12.13 -6.79
C GLY A 286 29.27 -11.24 -5.58
N VAL A 287 28.14 -10.65 -5.18
CA VAL A 287 28.11 -9.73 -4.05
C VAL A 287 27.30 -10.34 -2.90
N ASP A 288 27.78 -10.18 -1.68
CA ASP A 288 27.08 -10.68 -0.49
C ASP A 288 26.16 -9.62 0.10
N ILE A 289 24.85 -9.85 0.01
CA ILE A 289 23.90 -9.01 0.73
C ILE A 289 23.00 -9.86 1.63
N SER A 290 23.56 -10.95 2.16
CA SER A 290 22.78 -11.89 2.94
C SER A 290 22.10 -11.25 4.17
N SER A 291 22.72 -10.25 4.79
CA SER A 291 22.09 -9.67 5.98
C SER A 291 20.89 -8.81 5.58
N TYR A 292 20.86 -8.35 4.33
CA TYR A 292 19.71 -7.60 3.82
C TYR A 292 18.60 -8.57 3.40
N VAL A 293 18.98 -9.69 2.81
CA VAL A 293 18.03 -10.78 2.60
C VAL A 293 17.35 -11.14 3.94
N ALA A 294 18.16 -11.26 5.00
CA ALA A 294 17.64 -11.60 6.34
C ALA A 294 16.67 -10.54 6.87
N LYS A 295 16.93 -9.26 6.60
CA LYS A 295 15.97 -8.24 6.99
C LYS A 295 14.62 -8.47 6.29
N SER A 296 14.66 -8.76 4.99
CA SER A 296 13.42 -8.90 4.25
C SER A 296 12.63 -10.12 4.67
N THR A 297 13.32 -11.22 5.01
CA THR A 297 12.57 -12.42 5.39
C THR A 297 11.99 -12.27 6.79
N LYS A 298 12.67 -11.53 7.65
CA LYS A 298 12.11 -11.19 8.96
C LYS A 298 10.85 -10.33 8.81
N MET A 299 10.91 -9.31 7.96
CA MET A 299 9.74 -8.49 7.67
C MET A 299 8.61 -9.35 7.10
N GLY A 300 8.97 -10.27 6.19
CA GLY A 300 7.98 -11.18 5.61
C GLY A 300 7.40 -12.13 6.65
N ASP A 301 8.20 -12.44 7.67
CA ASP A 301 7.74 -13.31 8.75
C ASP A 301 6.64 -12.62 9.57
N PHE A 302 6.87 -11.37 9.98
CA PHE A 302 5.85 -10.60 10.69
C PHE A 302 4.67 -10.24 9.80
N LEU A 303 4.91 -10.16 8.50
CA LEU A 303 3.84 -9.82 7.55
C LEU A 303 2.70 -10.86 7.55
N ARG A 304 2.95 -12.03 8.14
CA ARG A 304 1.90 -13.03 8.29
C ARG A 304 0.71 -12.52 9.11
N TYR A 305 0.91 -11.47 9.89
CA TYR A 305 -0.23 -10.88 10.60
C TYR A 305 -1.26 -10.33 9.59
N SER A 306 -0.84 -10.02 8.37
CA SER A 306 -1.79 -9.52 7.38
C SER A 306 -2.73 -10.65 6.90
N PHE A 307 -2.50 -11.88 7.35
CA PHE A 307 -3.38 -12.99 6.99
C PHE A 307 -4.66 -13.04 7.83
N PHE A 308 -4.72 -12.22 8.88
CA PHE A 308 -5.71 -12.49 9.94
C PHE A 308 -6.83 -11.49 10.08
N ASP A 309 -8.00 -12.03 10.42
CA ASP A 309 -9.16 -11.23 10.79
C ASP A 309 -8.79 -10.22 11.89
N LYS A 310 -9.44 -9.07 11.85
CA LYS A 310 -9.12 -7.99 12.80
C LYS A 310 -9.08 -8.43 14.26
N TYR A 311 -10.11 -9.14 14.71
CA TYR A 311 -10.12 -9.60 16.10
C TYR A 311 -10.01 -11.12 16.20
N PHE A 312 -9.27 -11.68 15.24
CA PHE A 312 -9.01 -13.12 15.22
C PHE A 312 -10.31 -13.90 15.33
N ARG A 313 -11.35 -13.40 14.69
CA ARG A 313 -12.63 -14.12 14.55
C ARG A 313 -12.49 -15.19 13.49
N LYS A 314 -13.24 -16.28 13.65
CA LYS A 314 -13.27 -17.34 12.63
C LYS A 314 -13.65 -16.75 11.30
N VAL A 315 -13.00 -17.22 10.23
CA VAL A 315 -13.34 -16.75 8.90
C VAL A 315 -14.63 -17.45 8.45
N GLY A 316 -15.63 -16.66 8.07
CA GLY A 316 -16.93 -17.24 7.77
C GLY A 316 -17.90 -17.05 8.92
N ASN A 317 -17.73 -17.86 9.96
CA ASN A 317 -18.50 -17.75 11.19
CA ASN A 317 -18.54 -17.72 11.19
C ASN A 317 -17.94 -16.64 12.11
N SER A 318 -17.99 -15.40 11.62
CA SER A 318 -17.24 -14.30 12.22
C SER A 318 -17.75 -13.79 13.57
N THR A 319 -18.89 -14.26 14.04
CA THR A 319 -19.33 -13.89 15.39
C THR A 319 -18.52 -14.65 16.44
N GLN A 320 -17.89 -15.73 16.01
CA GLN A 320 -17.16 -16.61 16.93
C GLN A 320 -15.67 -16.31 17.05
N ALA A 321 -15.15 -16.38 18.27
CA ALA A 321 -13.72 -16.24 18.50
C ALA A 321 -12.96 -17.39 17.87
N GLY A 322 -11.90 -17.08 17.12
CA GLY A 322 -11.06 -18.12 16.54
C GLY A 322 -10.15 -18.76 17.60
N THR A 323 -9.62 -19.93 17.29
CA THR A 323 -8.70 -20.62 18.19
C THR A 323 -7.29 -20.66 17.63
N GLY A 324 -7.06 -19.94 16.55
CA GLY A 324 -5.72 -19.89 15.97
C GLY A 324 -5.82 -19.63 14.48
N TYR A 325 -5.48 -20.63 13.68
CA TYR A 325 -5.45 -20.44 12.23
C TYR A 325 -6.84 -20.50 11.60
N ASP A 326 -7.88 -20.78 12.39
CA ASP A 326 -9.23 -20.69 11.82
C ASP A 326 -9.65 -19.23 11.63
N SER A 327 -8.84 -18.29 12.13
CA SER A 327 -9.07 -16.88 11.84
C SER A 327 -8.18 -16.36 10.71
N ALA A 328 -7.46 -17.26 10.05
CA ALA A 328 -6.59 -16.86 8.94
C ALA A 328 -7.37 -16.79 7.63
N GLN A 329 -7.35 -15.60 7.04
CA GLN A 329 -7.98 -15.32 5.76
C GLN A 329 -7.02 -15.66 4.63
N TYR A 330 -5.72 -15.68 4.94
CA TYR A 330 -4.63 -16.05 4.02
C TYR A 330 -4.45 -15.13 2.81
N LEU A 331 -5.01 -13.92 2.87
CA LEU A 331 -4.70 -12.89 1.89
C LEU A 331 -3.82 -11.81 2.55
N LEU A 332 -3.38 -10.80 1.79
CA LEU A 332 -2.77 -9.61 2.41
C LEU A 332 -3.92 -8.64 2.72
N ASN A 333 -4.27 -8.52 4.00
CA ASN A 333 -5.40 -7.68 4.39
C ASN A 333 -5.01 -6.19 4.32
N TRP A 334 -5.89 -5.29 4.77
CA TRP A 334 -5.61 -3.88 4.56
C TRP A 334 -4.57 -3.36 5.56
N TYR A 335 -4.46 -4.03 6.70
CA TYR A 335 -3.44 -3.70 7.69
C TYR A 335 -3.37 -4.73 8.79
N TYR A 336 -2.22 -4.83 9.44
CA TYR A 336 -2.25 -5.28 10.81
C TYR A 336 -1.78 -4.10 11.64
N ALA A 337 -2.09 -4.09 12.94
CA ALA A 337 -1.71 -2.95 13.75
C ALA A 337 -1.33 -3.43 15.14
N TRP A 338 -0.51 -2.64 15.83
CA TRP A 338 -0.11 -3.03 17.16
C TRP A 338 0.16 -1.81 18.00
N GLY A 339 -0.06 -1.94 19.29
CA GLY A 339 0.12 -0.82 20.18
C GLY A 339 0.32 -1.26 21.61
N GLY A 340 0.46 -0.29 22.50
CA GLY A 340 0.66 -0.59 23.90
C GLY A 340 0.95 0.63 24.73
N GLY A 341 1.22 0.41 26.01
CA GLY A 341 1.37 1.52 26.93
C GLY A 341 2.74 2.16 26.88
N ILE A 342 2.77 3.45 27.17
CA ILE A 342 4.01 4.16 27.38
C ILE A 342 4.23 4.32 28.89
N SER A 343 3.25 4.89 29.60
CA SER A 343 3.37 5.05 31.04
C SER A 343 3.27 3.72 31.82
N SER A 344 2.73 2.67 31.22
CA SER A 344 2.72 1.37 31.87
C SER A 344 2.83 0.26 30.82
N ASN A 345 2.93 -0.98 31.27
CA ASN A 345 3.33 -2.06 30.37
C ASN A 345 2.17 -2.98 29.98
N TRP A 346 1.70 -2.81 28.74
CA TRP A 346 0.62 -3.61 28.17
C TRP A 346 0.68 -3.45 26.68
N SER A 347 0.13 -4.39 25.92
CA SER A 347 0.17 -4.27 24.46
C SER A 347 -0.96 -5.06 23.82
N TRP A 348 -1.22 -4.76 22.55
CA TRP A 348 -2.30 -5.39 21.81
C TRP A 348 -1.92 -5.52 20.33
N ARG A 349 -2.61 -6.42 19.63
CA ARG A 349 -2.41 -6.59 18.20
C ARG A 349 -3.76 -6.87 17.55
N ILE A 350 -3.92 -6.36 16.33
CA ILE A 350 -5.07 -6.72 15.51
C ILE A 350 -4.64 -6.98 14.07
N GLY A 351 -5.43 -7.77 13.36
CA GLY A 351 -5.26 -7.87 11.91
C GLY A 351 -6.27 -6.91 11.29
N SER A 352 -6.87 -7.34 10.19
CA SER A 352 -7.93 -6.59 9.52
C SER A 352 -8.81 -7.59 8.80
N SER A 353 -10.12 -7.38 8.88
CA SER A 353 -11.08 -8.27 8.25
C SER A 353 -11.26 -7.97 6.76
N HIS A 354 -10.67 -6.86 6.30
CA HIS A 354 -10.87 -6.35 4.95
C HIS A 354 -9.71 -6.69 4.01
N ASN A 355 -10.03 -7.11 2.79
CA ASN A 355 -9.02 -7.47 1.80
C ASN A 355 -9.32 -6.86 0.44
N HIS A 356 -8.30 -6.24 -0.15
CA HIS A 356 -8.41 -5.58 -1.45
C HIS A 356 -7.47 -6.30 -2.44
N PHE A 357 -7.95 -6.61 -3.65
CA PHE A 357 -7.07 -7.27 -4.64
C PHE A 357 -5.80 -6.41 -4.86
N GLY A 358 -5.94 -5.10 -4.76
CA GLY A 358 -4.83 -4.17 -5.01
C GLY A 358 -3.64 -4.30 -4.08
N TYR A 359 -3.84 -4.94 -2.93
CA TYR A 359 -2.77 -5.16 -1.96
C TYR A 359 -2.05 -6.50 -2.11
N GLN A 360 -2.59 -7.41 -2.91
CA GLN A 360 -2.02 -8.77 -2.95
C GLN A 360 -0.66 -8.75 -3.61
N ASN A 361 0.14 -9.77 -3.31
CA ASN A 361 1.45 -9.87 -3.93
C ASN A 361 1.90 -11.34 -3.97
N PRO A 362 1.48 -12.07 -5.01
CA PRO A 362 1.90 -13.47 -5.19
C PRO A 362 3.40 -13.60 -5.40
N MET A 363 4.03 -12.60 -5.99
CA MET A 363 5.48 -12.64 -6.16
C MET A 363 6.15 -12.73 -4.79
N ALA A 364 5.77 -11.85 -3.87
CA ALA A 364 6.30 -11.90 -2.51
C ALA A 364 5.98 -13.22 -1.82
N ALA A 365 4.75 -13.71 -1.95
CA ALA A 365 4.36 -14.96 -1.30
C ALA A 365 5.16 -16.15 -1.86
N TRP A 366 5.39 -16.16 -3.17
CA TRP A 366 6.19 -17.21 -3.80
C TRP A 366 7.65 -17.14 -3.34
N ILE A 367 8.18 -15.94 -3.26
CA ILE A 367 9.54 -15.74 -2.78
C ILE A 367 9.75 -16.34 -1.39
N LEU A 368 8.83 -16.06 -0.50
CA LEU A 368 8.98 -16.46 0.90
C LEU A 368 8.68 -17.95 1.11
N SER A 369 7.97 -18.58 0.16
CA SER A 369 7.57 -19.97 0.36
C SER A 369 8.33 -20.94 -0.54
N ASN A 370 8.86 -20.45 -1.65
CA ASN A 370 9.34 -21.36 -2.68
C ASN A 370 10.77 -21.11 -3.14
N THR A 371 11.52 -20.29 -2.41
CA THR A 371 12.94 -20.12 -2.70
C THR A 371 13.74 -20.43 -1.44
N SER A 372 14.95 -20.95 -1.61
CA SER A 372 15.79 -21.30 -0.46
C SER A 372 16.26 -20.07 0.30
N ASP A 373 16.70 -19.05 -0.43
CA ASP A 373 17.29 -17.87 0.21
C ASP A 373 16.32 -17.09 1.08
N PHE A 374 15.03 -17.16 0.76
CA PHE A 374 14.08 -16.29 1.46
C PHE A 374 13.10 -17.04 2.36
N LYS A 375 13.44 -18.28 2.71
CA LYS A 375 12.66 -18.99 3.72
C LYS A 375 12.78 -18.28 5.09
N PRO A 376 11.65 -17.84 5.68
CA PRO A 376 11.82 -17.13 6.96
C PRO A 376 12.17 -18.06 8.11
N LYS A 377 12.70 -17.50 9.18
CA LYS A 377 13.22 -18.31 10.28
C LYS A 377 12.15 -19.00 11.12
N SER A 378 10.93 -18.47 11.17
CA SER A 378 9.86 -19.16 11.92
C SER A 378 9.52 -20.48 11.22
N PRO A 379 9.46 -21.57 11.99
CA PRO A 379 9.25 -22.90 11.40
C PRO A 379 8.02 -23.00 10.48
N ASN A 380 6.92 -22.33 10.83
CA ASN A 380 5.70 -22.42 10.00
C ASN A 380 5.59 -21.37 8.88
N ALA A 381 6.52 -20.42 8.80
CA ALA A 381 6.34 -19.28 7.91
C ALA A 381 6.24 -19.66 6.44
N ALA A 382 7.15 -20.53 5.95
CA ALA A 382 7.16 -20.91 4.54
C ALA A 382 5.83 -21.60 4.13
N THR A 383 5.37 -22.51 4.98
CA THR A 383 4.11 -23.20 4.77
C THR A 383 2.93 -22.24 4.74
N ASP A 384 2.89 -21.33 5.71
CA ASP A 384 1.84 -20.30 5.74
C ASP A 384 1.85 -19.47 4.45
N TRP A 385 3.04 -19.06 4.02
CA TRP A 385 3.16 -18.25 2.81
C TRP A 385 2.79 -19.02 1.56
N ASN A 386 3.08 -20.32 1.56
CA ASN A 386 2.65 -21.15 0.44
C ASN A 386 1.13 -21.22 0.39
N ASN A 387 0.49 -21.29 1.55
CA ASN A 387 -0.96 -21.30 1.58
C ASN A 387 -1.55 -19.96 1.13
N SER A 388 -0.92 -18.88 1.52
CA SER A 388 -1.36 -17.55 1.07
C SER A 388 -1.22 -17.38 -0.45
N LEU A 389 -0.11 -17.85 -1.01
CA LEU A 389 0.13 -17.78 -2.45
C LEU A 389 -1.05 -18.37 -3.23
N LYS A 390 -1.40 -19.60 -2.89
CA LYS A 390 -2.54 -20.31 -3.46
C LYS A 390 -3.84 -19.49 -3.35
N ARG A 391 -4.12 -19.05 -2.13
CA ARG A 391 -5.34 -18.29 -1.85
C ARG A 391 -5.38 -16.96 -2.63
N GLN A 392 -4.25 -16.26 -2.68
CA GLN A 392 -4.17 -15.01 -3.42
C GLN A 392 -4.50 -15.18 -4.91
N ILE A 393 -3.91 -16.18 -5.55
CA ILE A 393 -4.17 -16.42 -6.97
C ILE A 393 -5.65 -16.76 -7.21
N GLU A 394 -6.26 -17.56 -6.32
CA GLU A 394 -7.70 -17.78 -6.39
C GLU A 394 -8.52 -16.49 -6.24
N PHE A 395 -8.08 -15.65 -5.31
CA PHE A 395 -8.73 -14.35 -5.03
C PHE A 395 -8.80 -13.47 -6.27
N TYR A 396 -7.68 -13.33 -6.98
CA TYR A 396 -7.66 -12.58 -8.24
C TYR A 396 -8.67 -13.15 -9.25
N GLN A 397 -8.69 -14.48 -9.36
CA GLN A 397 -9.58 -15.12 -10.33
C GLN A 397 -11.04 -14.90 -9.96
N TRP A 398 -11.33 -15.04 -8.67
CA TRP A 398 -12.68 -14.84 -8.17
C TRP A 398 -13.17 -13.42 -8.48
N LEU A 399 -12.26 -12.46 -8.44
CA LEU A 399 -12.64 -11.05 -8.58
C LEU A 399 -12.61 -10.55 -10.03
N GLN A 400 -12.17 -11.37 -10.97
CA GLN A 400 -12.02 -10.89 -12.33
C GLN A 400 -13.36 -10.71 -13.02
N SER A 401 -13.63 -9.47 -13.45
CA SER A 401 -14.89 -9.10 -14.08
C SER A 401 -15.06 -9.75 -15.43
N ALA A 402 -16.26 -9.65 -15.98
CA ALA A 402 -16.54 -10.14 -17.32
C ALA A 402 -15.64 -9.44 -18.35
N GLU A 403 -15.36 -8.16 -18.14
CA GLU A 403 -14.50 -7.44 -19.09
C GLU A 403 -13.02 -7.80 -18.89
N GLY A 404 -12.59 -8.01 -17.65
CA GLY A 404 -11.22 -8.42 -17.37
C GLY A 404 -10.54 -7.66 -16.21
N GLY A 405 -11.04 -6.48 -15.88
CA GLY A 405 -10.52 -5.75 -14.72
C GLY A 405 -10.82 -6.51 -13.43
N ILE A 406 -9.98 -6.34 -12.41
CA ILE A 406 -10.17 -7.06 -11.16
C ILE A 406 -11.01 -6.24 -10.19
N ALA A 407 -12.08 -6.84 -9.65
CA ALA A 407 -12.99 -6.15 -8.74
C ALA A 407 -12.38 -6.03 -7.34
N GLY A 408 -13.08 -5.34 -6.45
CA GLY A 408 -12.47 -4.81 -5.24
C GLY A 408 -11.86 -5.82 -4.28
N GLY A 409 -12.70 -6.65 -3.66
CA GLY A 409 -12.19 -7.59 -2.71
C GLY A 409 -13.25 -8.22 -1.84
N ALA A 410 -12.88 -8.55 -0.60
CA ALA A 410 -13.81 -9.21 0.28
C ALA A 410 -13.46 -9.00 1.74
N SER A 411 -14.46 -9.18 2.61
CA SER A 411 -14.30 -8.88 4.03
C SER A 411 -14.92 -9.98 4.90
N ASN A 412 -14.28 -10.26 6.02
CA ASN A 412 -14.84 -11.17 7.01
C ASN A 412 -15.74 -10.45 8.00
N SER A 413 -15.91 -9.14 7.81
CA SER A 413 -16.67 -8.32 8.77
C SER A 413 -17.54 -7.27 8.05
N ASN A 414 -18.80 -7.62 7.77
CA ASN A 414 -19.71 -6.69 7.11
C ASN A 414 -19.89 -5.43 7.98
N GLY A 415 -19.65 -4.27 7.37
CA GLY A 415 -19.73 -3.00 8.07
C GLY A 415 -18.62 -2.78 9.08
N GLY A 416 -17.64 -3.67 9.10
CA GLY A 416 -16.56 -3.60 10.08
C GLY A 416 -17.06 -3.85 11.50
N SER A 417 -18.24 -4.45 11.63
CA SER A 417 -18.76 -4.80 12.95
C SER A 417 -19.44 -6.16 12.91
N TYR A 418 -18.95 -7.01 12.01
CA TYR A 418 -19.43 -8.39 11.90
C TYR A 418 -20.94 -8.48 11.75
N GLN A 419 -21.51 -7.60 10.95
N GLN A 419 -21.51 -7.60 10.95
CA GLN A 419 -22.95 -7.64 10.69
CA GLN A 419 -22.96 -7.63 10.70
C GLN A 419 -23.29 -8.86 9.84
C GLN A 419 -23.31 -8.80 9.79
N ALA A 420 -24.53 -9.30 9.92
CA ALA A 420 -25.02 -10.37 9.06
C ALA A 420 -24.96 -9.92 7.59
N TRP A 421 -24.56 -10.83 6.71
CA TRP A 421 -24.57 -10.52 5.28
C TRP A 421 -25.99 -10.64 4.74
N PRO A 422 -26.40 -9.72 3.86
CA PRO A 422 -27.69 -9.85 3.18
C PRO A 422 -27.78 -11.18 2.41
N ALA A 423 -28.97 -11.77 2.31
CA ALA A 423 -29.14 -13.00 1.53
C ALA A 423 -28.64 -12.81 0.10
N GLY A 424 -27.91 -13.80 -0.40
CA GLY A 424 -27.41 -13.72 -1.76
C GLY A 424 -26.04 -13.07 -1.86
N THR A 425 -25.49 -12.63 -0.73
CA THR A 425 -24.10 -12.13 -0.70
C THR A 425 -23.18 -13.17 -1.31
N ARG A 426 -22.35 -12.75 -2.27
CA ARG A 426 -21.38 -13.64 -2.91
C ARG A 426 -20.11 -13.74 -2.08
N THR A 427 -19.59 -14.94 -1.89
CA THR A 427 -18.51 -15.12 -0.94
C THR A 427 -17.27 -15.83 -1.49
N PHE A 428 -16.18 -15.67 -0.75
CA PHE A 428 -14.87 -16.23 -1.07
C PHE A 428 -14.31 -16.79 0.23
N TYR A 429 -14.34 -18.11 0.36
CA TYR A 429 -13.95 -18.78 1.60
C TYR A 429 -14.67 -18.17 2.81
N GLY A 430 -15.93 -17.81 2.60
CA GLY A 430 -16.76 -17.30 3.69
C GLY A 430 -16.73 -15.79 3.84
N MET A 431 -15.86 -15.11 3.09
CA MET A 431 -15.80 -13.65 3.16
C MET A 431 -16.71 -13.02 2.11
N GLY A 432 -17.41 -11.95 2.48
CA GLY A 432 -18.38 -11.35 1.58
C GLY A 432 -17.76 -10.36 0.60
N TYR A 433 -18.24 -10.37 -0.63
CA TYR A 433 -17.74 -9.47 -1.68
C TYR A 433 -17.97 -8.00 -1.33
N THR A 434 -16.95 -7.18 -1.53
CA THR A 434 -17.03 -5.75 -1.32
C THR A 434 -16.46 -5.03 -2.54
N PRO A 435 -17.32 -4.31 -3.28
CA PRO A 435 -16.88 -3.59 -4.49
C PRO A 435 -15.80 -2.56 -4.15
N HIS A 436 -15.92 -1.93 -2.99
CA HIS A 436 -14.91 -0.94 -2.57
C HIS A 436 -14.42 -1.19 -1.13
N PRO A 437 -13.45 -2.10 -0.98
CA PRO A 437 -12.89 -2.45 0.35
C PRO A 437 -12.43 -1.20 1.12
N VAL A 438 -12.68 -1.21 2.44
CA VAL A 438 -12.05 -0.29 3.38
C VAL A 438 -12.48 1.18 3.28
N TYR A 439 -12.51 1.77 2.09
CA TYR A 439 -12.93 3.17 2.01
C TYR A 439 -13.72 3.48 0.74
N GLU A 440 -14.60 4.47 0.86
CA GLU A 440 -15.58 4.74 -0.19
C GLU A 440 -15.60 6.19 -0.66
N ASP A 441 -14.77 7.04 -0.05
CA ASP A 441 -14.66 8.45 -0.48
C ASP A 441 -13.20 8.81 -0.79
N PRO A 442 -12.76 8.59 -2.04
CA PRO A 442 -13.51 7.99 -3.16
C PRO A 442 -13.54 6.47 -3.04
N GLY A 443 -14.26 5.78 -3.93
CA GLY A 443 -14.29 4.32 -3.89
C GLY A 443 -12.87 3.78 -4.00
N SER A 444 -12.51 2.84 -3.14
CA SER A 444 -11.14 2.33 -3.14
C SER A 444 -10.80 1.50 -4.38
N ASN A 445 -11.78 1.19 -5.22
CA ASN A 445 -11.44 0.53 -6.47
C ASN A 445 -11.83 1.36 -7.70
N GLU A 446 -11.99 2.66 -7.49
CA GLU A 446 -12.27 3.59 -8.59
CA GLU A 446 -12.28 3.58 -8.58
C GLU A 446 -11.02 3.85 -9.42
N TRP A 447 -9.87 3.88 -8.76
CA TRP A 447 -8.59 4.22 -9.41
C TRP A 447 -7.97 3.04 -10.17
N PHE A 448 -7.67 3.25 -11.45
CA PHE A 448 -7.06 2.20 -12.25
C PHE A 448 -5.67 1.79 -11.74
N GLY A 449 -5.01 2.69 -11.00
CA GLY A 449 -3.72 2.39 -10.41
C GLY A 449 -3.60 1.06 -9.71
N MET A 450 -4.60 0.69 -8.91
CA MET A 450 -4.61 -0.62 -8.25
C MET A 450 -4.48 -1.78 -9.26
N GLN A 451 -5.09 -1.65 -10.43
CA GLN A 451 -5.00 -2.71 -11.46
C GLN A 451 -3.55 -2.95 -11.85
N ALA A 452 -2.86 -1.87 -12.22
CA ALA A 452 -1.48 -1.98 -12.70
C ALA A 452 -0.55 -2.44 -11.57
N TRP A 453 -0.61 -1.79 -10.41
CA TRP A 453 0.23 -2.15 -9.26
CA TRP A 453 0.23 -2.14 -9.28
C TRP A 453 0.14 -3.62 -8.92
N SER A 454 -1.08 -4.12 -8.82
CA SER A 454 -1.29 -5.46 -8.33
C SER A 454 -1.03 -6.49 -9.42
N MET A 455 -1.50 -6.23 -10.63
CA MET A 455 -1.30 -7.19 -11.71
C MET A 455 0.16 -7.21 -12.20
N GLN A 456 0.92 -6.15 -11.96
CA GLN A 456 2.36 -6.21 -12.18
C GLN A 456 2.96 -7.35 -11.36
N ARG A 457 2.47 -7.52 -10.13
CA ARG A 457 3.01 -8.56 -9.26
C ARG A 457 2.64 -9.96 -9.77
N VAL A 458 1.42 -10.14 -10.26
CA VAL A 458 0.97 -11.40 -10.83
CA VAL A 458 1.07 -11.47 -10.75
C VAL A 458 1.81 -11.75 -12.05
N ALA A 459 2.07 -10.74 -12.86
CA ALA A 459 2.85 -10.94 -14.09
C ALA A 459 4.30 -11.33 -13.76
N GLU A 460 4.93 -10.62 -12.82
CA GLU A 460 6.29 -10.96 -12.43
C GLU A 460 6.31 -12.38 -11.83
N TYR A 461 5.28 -12.69 -11.04
CA TYR A 461 5.13 -14.02 -10.44
C TYR A 461 4.99 -15.11 -11.51
N TYR A 462 4.17 -14.81 -12.52
CA TYR A 462 3.91 -15.79 -13.57
C TYR A 462 5.18 -16.03 -14.38
N TYR A 463 5.91 -14.95 -14.66
CA TYR A 463 7.19 -15.07 -15.34
C TYR A 463 8.18 -15.92 -14.54
N SER A 464 8.20 -15.69 -13.24
CA SER A 464 9.16 -16.34 -12.36
C SER A 464 8.84 -17.80 -12.09
N SER A 465 7.55 -18.11 -11.93
CA SER A 465 7.12 -19.45 -11.52
C SER A 465 6.49 -20.26 -12.65
N LYS A 466 5.99 -19.56 -13.66
CA LYS A 466 5.18 -20.15 -14.73
C LYS A 466 4.01 -20.96 -14.16
N ASP A 467 3.44 -20.50 -13.04
CA ASP A 467 2.23 -21.11 -12.48
C ASP A 467 1.08 -21.02 -13.50
N PRO A 468 0.62 -22.18 -14.02
CA PRO A 468 -0.45 -22.16 -15.02
C PRO A 468 -1.75 -21.54 -14.50
N ALA A 469 -1.95 -21.49 -13.19
CA ALA A 469 -3.19 -20.92 -12.64
C ALA A 469 -3.26 -19.42 -12.86
N ALA A 470 -2.13 -18.80 -13.20
CA ALA A 470 -2.13 -17.35 -13.40
C ALA A 470 -2.37 -16.94 -14.86
N LYS A 471 -2.28 -17.90 -15.77
CA LYS A 471 -2.22 -17.57 -17.20
C LYS A 471 -3.52 -16.95 -17.75
N SER A 472 -4.64 -17.64 -17.56
CA SER A 472 -5.92 -17.14 -18.08
C SER A 472 -6.29 -15.80 -17.43
N LEU A 473 -5.98 -15.70 -16.15
CA LEU A 473 -6.16 -14.45 -15.42
C LEU A 473 -5.44 -13.29 -16.11
N LEU A 474 -4.17 -13.52 -16.41
CA LEU A 474 -3.34 -12.50 -17.06
C LEU A 474 -3.75 -12.28 -18.50
N ASP A 475 -4.07 -13.35 -19.22
CA ASP A 475 -4.52 -13.24 -20.61
C ASP A 475 -5.70 -12.27 -20.66
N LYS A 476 -6.69 -12.51 -19.82
CA LYS A 476 -7.92 -11.74 -19.85
C LYS A 476 -7.68 -10.31 -19.36
N TRP A 477 -6.90 -10.14 -18.30
CA TRP A 477 -6.60 -8.80 -17.82
C TRP A 477 -5.82 -7.99 -18.85
N ALA A 478 -4.80 -8.59 -19.46
CA ALA A 478 -3.98 -7.89 -20.43
C ALA A 478 -4.78 -7.43 -21.65
N LYS A 479 -5.69 -8.28 -22.12
CA LYS A 479 -6.55 -7.89 -23.23
C LYS A 479 -7.39 -6.65 -22.88
N TRP A 480 -7.99 -6.65 -21.70
CA TRP A 480 -8.78 -5.50 -21.25
C TRP A 480 -7.90 -4.24 -21.10
N ALA A 481 -6.73 -4.38 -20.48
CA ALA A 481 -5.83 -3.22 -20.31
C ALA A 481 -5.36 -2.66 -21.64
N CYS A 482 -4.88 -3.52 -22.54
CA CYS A 482 -4.40 -3.02 -23.83
C CYS A 482 -5.53 -2.43 -24.68
N ALA A 483 -6.75 -2.92 -24.52
CA ALA A 483 -7.89 -2.38 -25.26
C ALA A 483 -8.26 -0.98 -24.74
N ASN A 484 -7.70 -0.62 -23.59
CA ASN A 484 -8.03 0.65 -22.98
C ASN A 484 -6.86 1.61 -22.84
N VAL A 485 -5.84 1.43 -23.65
CA VAL A 485 -4.80 2.44 -23.77
C VAL A 485 -5.07 3.22 -25.04
N GLN A 486 -5.24 4.54 -24.91
CA GLN A 486 -5.48 5.40 -26.06
C GLN A 486 -4.18 6.06 -26.53
N PHE A 487 -3.66 5.61 -27.67
CA PHE A 487 -2.45 6.22 -28.22
C PHE A 487 -2.77 7.33 -29.20
N ASP A 488 -2.02 8.43 -29.10
CA ASP A 488 -1.96 9.43 -30.17
C ASP A 488 -0.57 9.35 -30.80
N ASP A 489 -0.45 8.60 -31.88
CA ASP A 489 0.86 8.33 -32.46
C ASP A 489 1.50 9.55 -33.11
N ALA A 490 0.68 10.49 -33.56
CA ALA A 490 1.23 11.70 -34.16
C ALA A 490 1.88 12.56 -33.09
N ALA A 491 1.25 12.67 -31.92
CA ALA A 491 1.77 13.49 -30.84
C ALA A 491 2.74 12.72 -29.93
N LYS A 492 2.84 11.41 -30.14
CA LYS A 492 3.56 10.52 -29.23
C LYS A 492 3.10 10.75 -27.79
N LYS A 493 1.79 10.73 -27.60
CA LYS A 493 1.19 10.81 -26.26
C LYS A 493 0.16 9.71 -26.12
N PHE A 494 -0.34 9.53 -24.90
CA PHE A 494 -1.35 8.51 -24.65
C PHE A 494 -2.19 8.82 -23.43
N LYS A 495 -3.31 8.14 -23.30
CA LYS A 495 -4.10 8.13 -22.09
C LYS A 495 -4.36 6.68 -21.69
N ILE A 496 -4.53 6.45 -20.40
CA ILE A 496 -4.89 5.13 -19.88
C ILE A 496 -6.12 5.33 -18.99
N PRO A 497 -6.78 4.24 -18.55
CA PRO A 497 -7.95 4.47 -17.70
C PRO A 497 -7.56 5.20 -16.42
N ALA A 498 -8.43 6.10 -15.97
CA ALA A 498 -8.18 6.83 -14.73
C ALA A 498 -9.19 6.38 -13.70
N LYS A 499 -10.46 6.38 -14.10
CA LYS A 499 -11.53 6.10 -13.15
C LYS A 499 -12.44 4.97 -13.63
N LEU A 500 -12.69 4.02 -12.72
CA LEU A 500 -13.45 2.80 -13.01
C LEU A 500 -14.78 2.80 -12.26
N VAL A 501 -15.81 2.28 -12.92
CA VAL A 501 -17.13 2.11 -12.30
C VAL A 501 -17.53 0.63 -12.31
N TRP A 502 -17.95 0.14 -11.16
CA TRP A 502 -18.25 -1.29 -10.94
C TRP A 502 -19.71 -1.53 -10.72
N THR A 503 -20.22 -2.61 -11.32
CA THR A 503 -21.57 -3.08 -11.06
C THR A 503 -21.59 -4.58 -10.90
N GLY A 504 -22.61 -5.07 -10.24
CA GLY A 504 -22.80 -6.51 -10.17
C GLY A 504 -21.86 -7.17 -9.17
N GLN A 505 -21.65 -8.47 -9.32
CA GLN A 505 -20.93 -9.24 -8.33
C GLN A 505 -20.52 -10.61 -8.88
N PRO A 506 -19.40 -11.14 -8.38
CA PRO A 506 -18.87 -12.42 -8.86
C PRO A 506 -19.77 -13.59 -8.46
N ASP A 507 -19.60 -14.73 -9.11
CA ASP A 507 -20.22 -15.97 -8.62
C ASP A 507 -19.46 -16.35 -7.35
N THR A 508 -20.14 -16.93 -6.37
CA THR A 508 -19.45 -17.41 -5.17
C THR A 508 -18.37 -18.41 -5.58
N TRP A 509 -17.19 -18.30 -4.97
CA TRP A 509 -16.06 -19.13 -5.36
C TRP A 509 -16.27 -20.59 -4.98
N THR A 510 -16.17 -21.47 -5.98
CA THR A 510 -16.30 -22.89 -5.72
C THR A 510 -15.07 -23.66 -6.19
N GLY A 511 -14.02 -22.95 -6.61
CA GLY A 511 -12.79 -23.61 -7.01
C GLY A 511 -12.31 -23.34 -8.42
N SER A 512 -13.15 -22.72 -9.24
CA SER A 512 -12.68 -22.40 -10.58
C SER A 512 -13.39 -21.17 -11.08
N TYR A 513 -12.71 -20.44 -11.94
CA TYR A 513 -13.23 -19.20 -12.53
CA TYR A 513 -13.27 -19.21 -12.47
C TYR A 513 -14.45 -19.50 -13.39
N THR A 514 -15.44 -18.61 -13.35
CA THR A 514 -16.68 -18.79 -14.10
C THR A 514 -16.84 -17.81 -15.26
N GLY A 515 -16.01 -16.78 -15.30
CA GLY A 515 -16.25 -15.73 -16.28
C GLY A 515 -16.99 -14.57 -15.65
N ASN A 516 -17.62 -14.81 -14.49
CA ASN A 516 -18.33 -13.76 -13.75
C ASN A 516 -19.14 -12.84 -14.65
N SER A 517 -20.11 -13.41 -15.37
CA SER A 517 -20.78 -12.65 -16.42
C SER A 517 -21.67 -11.52 -15.87
N ASN A 518 -21.90 -11.52 -14.55
CA ASN A 518 -22.71 -10.47 -13.93
CA ASN A 518 -22.71 -10.46 -13.94
C ASN A 518 -21.87 -9.49 -13.11
N LEU A 519 -20.56 -9.53 -13.31
CA LEU A 519 -19.66 -8.59 -12.66
C LEU A 519 -19.03 -7.68 -13.73
N HIS A 520 -19.25 -6.38 -13.63
CA HIS A 520 -18.84 -5.47 -14.70
C HIS A 520 -18.00 -4.29 -14.26
N VAL A 521 -17.01 -3.94 -15.09
CA VAL A 521 -16.26 -2.70 -14.94
C VAL A 521 -16.40 -1.87 -16.22
N LYS A 522 -16.63 -0.58 -16.05
CA LYS A 522 -16.62 0.38 -17.16
C LYS A 522 -15.57 1.43 -16.87
N VAL A 523 -14.83 1.86 -17.89
CA VAL A 523 -13.89 2.96 -17.71
C VAL A 523 -14.68 4.24 -17.85
N GLU A 524 -14.77 5.04 -16.80
CA GLU A 524 -15.58 6.24 -16.92
C GLU A 524 -14.76 7.44 -17.37
N ALA A 525 -13.46 7.43 -17.11
CA ALA A 525 -12.60 8.52 -17.57
C ALA A 525 -11.19 8.02 -17.83
N TYR A 526 -10.52 8.65 -18.80
CA TYR A 526 -9.13 8.35 -19.15
C TYR A 526 -8.23 9.53 -18.79
N GLY A 527 -6.94 9.28 -18.64
CA GLY A 527 -6.03 10.35 -18.26
C GLY A 527 -4.59 10.00 -18.54
N GLU A 528 -3.74 11.01 -18.52
CA GLU A 528 -2.31 10.83 -18.67
C GLU A 528 -1.69 10.55 -17.30
N ASP A 529 -1.99 9.37 -16.77
CA ASP A 529 -1.50 8.97 -15.45
C ASP A 529 -0.17 8.25 -15.61
N LEU A 530 0.92 8.99 -15.58
CA LEU A 530 2.20 8.49 -16.07
C LEU A 530 2.82 7.47 -15.13
N GLY A 531 2.70 7.68 -13.82
CA GLY A 531 3.22 6.73 -12.86
C GLY A 531 2.56 5.38 -13.04
N VAL A 532 1.23 5.40 -13.16
CA VAL A 532 0.46 4.18 -13.37
C VAL A 532 0.81 3.55 -14.72
N ALA A 533 1.03 4.39 -15.73
CA ALA A 533 1.42 3.90 -17.05
C ALA A 533 2.74 3.15 -16.97
N GLY A 534 3.67 3.66 -16.16
CA GLY A 534 4.88 2.93 -15.86
C GLY A 534 4.61 1.55 -15.28
N SER A 535 3.80 1.47 -14.23
CA SER A 535 3.44 0.19 -13.64
C SER A 535 2.81 -0.76 -14.67
N LEU A 536 1.90 -0.22 -15.48
CA LEU A 536 1.20 -0.97 -16.53
C LEU A 536 2.19 -1.56 -17.54
N SER A 537 3.16 -0.76 -17.98
CA SER A 537 4.22 -1.24 -18.87
C SER A 537 5.00 -2.40 -18.22
N ASN A 538 5.37 -2.21 -16.96
CA ASN A 538 6.04 -3.23 -16.18
C ASN A 538 5.23 -4.54 -16.22
N ALA A 539 3.95 -4.47 -15.87
CA ALA A 539 3.08 -5.64 -15.91
C ALA A 539 3.07 -6.30 -17.30
N LEU A 540 2.84 -5.50 -18.34
CA LEU A 540 2.76 -6.03 -19.70
C LEU A 540 4.08 -6.64 -20.17
N SER A 541 5.21 -6.05 -19.76
CA SER A 541 6.52 -6.60 -20.08
C SER A 541 6.74 -7.98 -19.49
N TYR A 542 6.44 -8.16 -18.19
CA TYR A 542 6.63 -9.48 -17.57
C TYR A 542 5.66 -10.49 -18.17
N TYR A 543 4.44 -10.04 -18.46
CA TYR A 543 3.44 -10.92 -19.06
C TYR A 543 3.89 -11.38 -20.45
N ALA A 544 4.29 -10.44 -21.30
CA ALA A 544 4.82 -10.80 -22.61
C ALA A 544 6.02 -11.73 -22.49
N LYS A 545 6.97 -11.38 -21.62
CA LYS A 545 8.17 -12.21 -21.52
C LYS A 545 7.78 -13.65 -21.11
N ALA A 546 6.82 -13.77 -20.19
CA ALA A 546 6.36 -15.08 -19.74
C ALA A 546 5.72 -15.89 -20.87
N LEU A 547 5.10 -15.19 -21.81
CA LEU A 547 4.46 -15.80 -22.98
C LEU A 547 5.45 -16.17 -24.07
N GLU A 548 6.67 -15.67 -23.94
CA GLU A 548 7.65 -15.79 -25.03
C GLU A 548 7.93 -17.25 -25.40
N SER A 549 7.84 -18.15 -24.42
CA SER A 549 8.15 -19.56 -24.69
C SER A 549 6.95 -20.32 -25.27
N SER A 550 5.79 -19.68 -25.35
CA SER A 550 4.62 -20.38 -25.90
C SER A 550 4.75 -20.62 -27.41
N THR A 551 4.32 -21.79 -27.88
CA THR A 551 4.25 -21.99 -29.32
C THR A 551 2.81 -21.82 -29.81
N ASP A 552 1.90 -21.53 -28.90
CA ASP A 552 0.49 -21.36 -29.26
C ASP A 552 0.30 -20.07 -30.07
N ALA A 553 -0.42 -20.16 -31.18
CA ALA A 553 -0.58 -19.01 -32.09
C ALA A 553 -1.27 -17.82 -31.41
N ALA A 554 -2.30 -18.10 -30.62
CA ALA A 554 -3.00 -17.03 -29.89
C ALA A 554 -2.08 -16.35 -28.86
N ASP A 555 -1.26 -17.14 -28.16
CA ASP A 555 -0.28 -16.57 -27.23
C ASP A 555 0.72 -15.64 -27.95
N LYS A 556 1.13 -16.01 -29.16
CA LYS A 556 2.07 -15.19 -29.92
C LYS A 556 1.44 -13.83 -30.26
N VAL A 557 0.17 -13.84 -30.62
CA VAL A 557 -0.54 -12.59 -30.87
C VAL A 557 -0.63 -11.74 -29.59
N ALA A 558 -0.94 -12.38 -28.46
CA ALA A 558 -1.03 -11.67 -27.18
C ALA A 558 0.33 -11.11 -26.78
N TYR A 559 1.37 -11.89 -27.06
CA TYR A 559 2.74 -11.47 -26.81
C TYR A 559 3.05 -10.18 -27.55
N ASN A 560 2.74 -10.15 -28.85
CA ASN A 560 3.03 -8.98 -29.66
C ASN A 560 2.25 -7.76 -29.17
N THR A 561 0.97 -7.96 -28.88
CA THR A 561 0.14 -6.84 -28.39
C THR A 561 0.67 -6.28 -27.06
N ALA A 562 0.97 -7.15 -26.11
CA ALA A 562 1.40 -6.71 -24.78
C ALA A 562 2.77 -6.04 -24.86
N LYS A 563 3.68 -6.66 -25.60
CA LYS A 563 5.04 -6.14 -25.74
C LYS A 563 5.06 -4.79 -26.47
N GLU A 564 4.31 -4.68 -27.56
CA GLU A 564 4.25 -3.43 -28.31
CA GLU A 564 4.26 -3.43 -28.31
C GLU A 564 3.56 -2.32 -27.53
N THR A 565 2.54 -2.67 -26.75
CA THR A 565 1.85 -1.69 -25.93
C THR A 565 2.80 -1.18 -24.85
N SER A 566 3.48 -2.10 -24.18
CA SER A 566 4.45 -1.72 -23.18
C SER A 566 5.54 -0.82 -23.78
N ARG A 567 6.09 -1.23 -24.92
CA ARG A 567 7.17 -0.47 -25.52
C ARG A 567 6.74 0.94 -25.93
N LYS A 568 5.54 1.04 -26.51
CA LYS A 568 5.03 2.32 -26.96
C LYS A 568 4.80 3.27 -25.78
N ILE A 569 4.30 2.72 -24.68
CA ILE A 569 4.16 3.51 -23.46
C ILE A 569 5.52 4.10 -23.06
N LEU A 570 6.55 3.27 -23.04
CA LEU A 570 7.88 3.72 -22.65
C LEU A 570 8.44 4.75 -23.63
N ASP A 571 8.29 4.48 -24.93
CA ASP A 571 8.81 5.39 -25.95
C ASP A 571 8.14 6.75 -25.83
N TYR A 572 6.84 6.78 -25.54
CA TYR A 572 6.12 8.05 -25.53
C TYR A 572 6.35 8.80 -24.22
N LEU A 573 6.47 8.08 -23.12
CA LEU A 573 6.93 8.67 -21.87
C LEU A 573 8.23 9.41 -22.09
N TRP A 574 9.18 8.74 -22.75
CA TRP A 574 10.49 9.31 -23.01
C TRP A 574 10.43 10.48 -23.99
N ALA A 575 9.66 10.31 -25.07
CA ALA A 575 9.65 11.33 -26.12
C ALA A 575 8.92 12.62 -25.71
N SER A 576 7.89 12.50 -24.90
CA SER A 576 6.95 13.61 -24.77
C SER A 576 6.80 14.14 -23.36
N TYR A 577 7.14 13.36 -22.35
CA TYR A 577 6.78 13.76 -21.00
C TYR A 577 7.94 14.06 -20.04
N GLN A 578 9.16 14.20 -20.57
CA GLN A 578 10.28 14.52 -19.70
C GLN A 578 10.26 15.96 -19.22
N ASP A 579 10.64 16.20 -17.97
CA ASP A 579 11.00 17.55 -17.58
C ASP A 579 12.28 17.50 -16.76
N ASP A 580 12.61 18.62 -16.12
CA ASP A 580 13.82 18.74 -15.32
C ASP A 580 13.98 17.67 -14.24
N LYS A 581 12.88 17.31 -13.59
CA LYS A 581 12.93 16.50 -12.37
C LYS A 581 12.64 15.02 -12.62
N GLY A 582 12.10 14.72 -13.80
CA GLY A 582 11.84 13.34 -14.15
C GLY A 582 10.89 13.29 -15.33
N ILE A 583 9.77 12.59 -15.13
CA ILE A 583 8.77 12.44 -16.18
C ILE A 583 7.40 12.70 -15.59
N ALA A 584 6.72 13.72 -16.11
CA ALA A 584 5.52 14.24 -15.46
C ALA A 584 4.68 15.02 -16.44
N VAL A 585 3.45 15.32 -16.04
CA VAL A 585 2.53 16.08 -16.86
C VAL A 585 1.56 16.79 -15.92
N THR A 586 1.01 17.92 -16.36
CA THR A 586 0.01 18.64 -15.57
CA THR A 586 0.01 18.64 -15.57
C THR A 586 -1.20 17.76 -15.29
N GLU A 587 -1.73 17.87 -14.07
CA GLU A 587 -2.97 17.19 -13.74
C GLU A 587 -3.90 18.19 -13.08
N THR A 588 -5.19 17.90 -13.10
CA THR A 588 -6.14 18.84 -12.52
C THR A 588 -6.75 18.24 -11.27
N ARG A 589 -6.75 19.02 -10.20
CA ARG A 589 -7.41 18.63 -8.98
C ARG A 589 -8.63 19.53 -8.78
N ASN A 590 -9.81 18.98 -9.04
CA ASN A 590 -11.05 19.74 -8.92
C ASN A 590 -11.65 19.66 -7.53
N ASP A 591 -11.02 18.90 -6.64
CA ASP A 591 -11.62 18.69 -5.32
C ASP A 591 -10.93 19.52 -4.25
N PHE A 592 -10.07 20.44 -4.65
CA PHE A 592 -9.34 21.25 -3.67
C PHE A 592 -10.26 22.20 -2.94
N LYS A 593 -11.51 22.28 -3.40
CA LYS A 593 -12.56 22.96 -2.64
C LYS A 593 -12.70 22.32 -1.27
N ARG A 594 -12.31 21.05 -1.16
CA ARG A 594 -12.43 20.32 0.09
C ARG A 594 -11.33 20.68 1.10
N PHE A 595 -10.45 21.63 0.76
CA PHE A 595 -9.58 22.22 1.78
C PHE A 595 -10.45 22.84 2.88
N ASN A 596 -11.64 23.30 2.50
CA ASN A 596 -12.59 23.85 3.45
C ASN A 596 -13.61 22.82 3.95
N GLN A 597 -13.33 21.53 3.73
CA GLN A 597 -14.22 20.46 4.19
C GLN A 597 -14.34 20.45 5.72
N SER A 598 -15.56 20.41 6.25
CA SER A 598 -15.73 20.35 7.70
CA SER A 598 -15.74 20.35 7.70
C SER A 598 -15.21 19.02 8.22
N VAL A 599 -14.58 19.06 9.38
CA VAL A 599 -14.07 17.86 10.04
C VAL A 599 -14.93 17.58 11.24
N TYR A 600 -15.42 16.35 11.37
CA TYR A 600 -16.24 16.03 12.54
C TYR A 600 -15.40 16.01 13.81
N ILE A 601 -15.87 16.75 14.81
CA ILE A 601 -15.33 16.72 16.17
C ILE A 601 -16.51 16.58 17.10
N PRO A 602 -16.44 15.66 18.09
CA PRO A 602 -17.60 15.50 18.97
C PRO A 602 -17.93 16.80 19.69
N SER A 603 -19.21 17.03 19.93
CA SER A 603 -19.66 18.21 20.65
C SER A 603 -18.98 18.27 22.01
N GLY A 604 -18.41 19.43 22.34
CA GLY A 604 -17.78 19.62 23.64
C GLY A 604 -16.33 19.18 23.68
N TRP A 605 -15.85 18.59 22.59
CA TRP A 605 -14.45 18.18 22.53
C TRP A 605 -13.60 19.33 22.03
N THR A 606 -12.57 19.70 22.79
CA THR A 606 -11.64 20.72 22.31
C THR A 606 -10.19 20.28 22.45
N GLY A 607 -9.36 20.78 21.54
CA GLY A 607 -7.94 20.48 21.57
C GLY A 607 -7.18 21.43 20.67
N LYS A 608 -5.87 21.21 20.60
CA LYS A 608 -4.98 22.06 19.82
C LYS A 608 -3.96 21.23 19.06
N MET A 609 -3.65 21.64 17.84
CA MET A 609 -2.50 21.11 17.11
C MET A 609 -1.23 21.72 17.72
N PRO A 610 -0.06 21.11 17.43
CA PRO A 610 1.20 21.66 17.95
C PRO A 610 1.43 23.12 17.60
N ASN A 611 1.01 23.57 16.42
CA ASN A 611 1.24 24.96 16.04
C ASN A 611 0.17 25.91 16.62
N GLY A 612 -0.77 25.37 17.38
CA GLY A 612 -1.77 26.19 18.03
C GLY A 612 -3.13 26.22 17.35
N ASP A 613 -3.23 25.60 16.16
CA ASP A 613 -4.53 25.51 15.49
C ASP A 613 -5.57 24.90 16.41
N VAL A 614 -6.71 25.56 16.52
CA VAL A 614 -7.80 25.12 17.39
C VAL A 614 -8.60 23.97 16.78
N ILE A 615 -8.69 22.86 17.52
CA ILE A 615 -9.49 21.72 17.09
C ILE A 615 -10.79 21.68 17.88
N GLN A 616 -11.90 21.91 17.20
CA GLN A 616 -13.22 21.92 17.84
C GLN A 616 -14.26 21.80 16.74
N SER A 617 -15.52 21.59 17.13
CA SER A 617 -16.63 21.59 16.17
CA SER A 617 -16.62 21.57 16.16
C SER A 617 -16.58 22.85 15.31
N GLY A 618 -16.77 22.70 14.01
CA GLY A 618 -16.67 23.84 13.10
C GLY A 618 -15.31 23.91 12.42
N ALA A 619 -14.36 23.10 12.87
CA ALA A 619 -13.04 23.05 12.23
C ALA A 619 -13.10 22.45 10.82
N THR A 620 -12.12 22.79 10.00
CA THR A 620 -12.03 22.29 8.64
C THR A 620 -10.68 21.63 8.41
N PHE A 621 -10.53 20.96 7.27
CA PHE A 621 -9.26 20.33 6.92
C PHE A 621 -8.16 21.38 7.03
N LEU A 622 -8.44 22.56 6.50
CA LEU A 622 -7.46 23.62 6.47
C LEU A 622 -7.25 24.28 7.84
N SER A 623 -8.31 24.44 8.62
CA SER A 623 -8.18 25.20 9.87
C SER A 623 -7.37 24.42 10.90
N ILE A 624 -7.24 23.11 10.76
CA ILE A 624 -6.35 22.38 11.66
C ILE A 624 -5.02 22.06 10.99
N ARG A 625 -4.81 22.66 9.81
CA ARG A 625 -3.55 22.53 9.08
C ARG A 625 -3.13 23.88 8.51
N SER A 626 -3.11 24.91 9.35
CA SER A 626 -2.95 26.27 8.87
C SER A 626 -1.58 26.50 8.21
N LYS A 627 -0.63 25.61 8.43
CA LYS A 627 0.66 25.75 7.78
C LYS A 627 0.53 25.55 6.28
N TYR A 628 -0.56 24.92 5.82
CA TYR A 628 -0.76 24.86 4.38
C TYR A 628 -0.80 26.25 3.75
N LYS A 629 -1.28 27.25 4.50
CA LYS A 629 -1.37 28.60 3.93
C LYS A 629 -0.01 29.26 3.84
N GLN A 630 1.00 28.63 4.44
CA GLN A 630 2.39 29.11 4.33
C GLN A 630 3.08 28.49 3.10
N ASP A 631 2.42 27.52 2.46
CA ASP A 631 2.99 26.88 1.27
C ASP A 631 3.10 27.86 0.10
N PRO A 632 4.24 27.84 -0.61
CA PRO A 632 4.45 28.74 -1.74
C PRO A 632 3.38 28.61 -2.84
N SER A 633 2.74 27.46 -2.95
CA SER A 633 1.73 27.27 -3.99
C SER A 633 0.33 27.61 -3.47
N TRP A 634 0.22 28.01 -2.21
CA TRP A 634 -1.09 28.31 -1.65
C TRP A 634 -1.82 29.47 -2.37
N PRO A 635 -1.13 30.59 -2.64
CA PRO A 635 -1.87 31.68 -3.31
C PRO A 635 -2.52 31.25 -4.62
N ASN A 636 -1.78 30.46 -5.41
CA ASN A 636 -2.31 29.84 -6.63
C ASN A 636 -3.59 29.04 -6.38
N VAL A 637 -3.59 28.25 -5.32
CA VAL A 637 -4.74 27.42 -5.00
C VAL A 637 -5.96 28.28 -4.65
N GLU A 638 -5.78 29.24 -3.75
CA GLU A 638 -6.94 30.00 -3.32
C GLU A 638 -7.39 30.96 -4.42
N ALA A 639 -6.48 31.33 -5.31
CA ALA A 639 -6.85 32.10 -6.49
C ALA A 639 -7.80 31.30 -7.37
N ALA A 640 -7.43 30.04 -7.63
CA ALA A 640 -8.22 29.18 -8.50
C ALA A 640 -9.59 28.88 -7.88
N LEU A 641 -9.59 28.60 -6.58
CA LEU A 641 -10.84 28.33 -5.89
C LEU A 641 -11.73 29.56 -5.90
N ALA A 642 -11.13 30.73 -5.74
CA ALA A 642 -11.88 31.99 -5.64
C ALA A 642 -12.71 32.26 -6.89
N ASN A 643 -12.14 31.98 -8.06
CA ASN A 643 -12.90 32.18 -9.29
C ASN A 643 -13.35 30.85 -9.90
N GLY A 644 -13.52 29.86 -9.04
CA GLY A 644 -14.15 28.61 -9.41
C GLY A 644 -13.45 27.82 -10.50
N THR A 645 -12.12 27.77 -10.45
CA THR A 645 -11.35 26.98 -11.40
C THR A 645 -10.83 25.71 -10.73
N GLY A 646 -10.56 24.68 -11.53
CA GLY A 646 -9.82 23.54 -11.05
C GLY A 646 -8.40 24.01 -10.77
N VAL A 647 -7.63 23.19 -10.07
CA VAL A 647 -6.26 23.55 -9.77
C VAL A 647 -5.32 22.66 -10.57
N ASP A 648 -4.46 23.28 -11.37
CA ASP A 648 -3.50 22.54 -12.17
C ASP A 648 -2.19 22.42 -11.40
N MET A 649 -1.67 21.20 -11.35
CA MET A 649 -0.42 20.91 -10.64
C MET A 649 0.38 19.95 -11.48
N THR A 650 1.71 20.05 -11.39
CA THR A 650 2.59 19.04 -11.96
C THR A 650 3.32 18.34 -10.84
N TYR A 651 3.08 17.04 -10.68
CA TYR A 651 3.69 16.34 -9.56
C TYR A 651 4.74 15.32 -10.00
N HIS A 652 5.76 15.17 -9.16
CA HIS A 652 6.74 14.11 -9.30
C HIS A 652 6.71 13.26 -8.04
N ARG A 653 5.83 12.27 -8.03
CA ARG A 653 5.69 11.38 -6.88
C ARG A 653 6.82 10.37 -6.88
N PHE A 654 7.35 10.05 -5.70
CA PHE A 654 8.48 9.12 -5.65
C PHE A 654 8.09 7.75 -6.23
N TRP A 655 6.93 7.21 -5.85
CA TRP A 655 6.53 5.91 -6.39
C TRP A 655 6.32 6.00 -7.90
N GLY A 656 5.81 7.13 -8.38
CA GLY A 656 5.53 7.29 -9.80
C GLY A 656 6.79 7.35 -10.64
N GLN A 657 7.75 8.17 -10.23
CA GLN A 657 9.03 8.23 -10.91
C GLN A 657 9.75 6.88 -10.82
N SER A 658 9.64 6.21 -9.66
CA SER A 658 10.23 4.89 -9.50
C SER A 658 9.61 3.86 -10.43
N ASP A 659 8.27 3.81 -10.47
CA ASP A 659 7.57 2.90 -11.37
C ASP A 659 7.97 3.12 -12.83
N ILE A 660 8.14 4.37 -13.22
CA ILE A 660 8.53 4.68 -14.59
C ILE A 660 9.97 4.19 -14.84
N ALA A 661 10.87 4.54 -13.92
CA ALA A 661 12.26 4.11 -14.05
C ALA A 661 12.34 2.59 -14.15
N ILE A 662 11.69 1.91 -13.21
CA ILE A 662 11.76 0.45 -13.13
C ILE A 662 11.12 -0.19 -14.38
N ALA A 663 10.07 0.43 -14.90
CA ALA A 663 9.48 -0.03 -16.18
C ALA A 663 10.51 0.01 -17.33
N PHE A 664 11.27 1.10 -17.42
CA PHE A 664 12.35 1.18 -18.40
C PHE A 664 13.36 0.03 -18.22
N GLY A 665 13.81 -0.17 -16.98
CA GLY A 665 14.83 -1.19 -16.70
C GLY A 665 14.30 -2.58 -16.97
N THR A 666 13.02 -2.76 -16.67
CA THR A 666 12.36 -4.05 -16.87
C THR A 666 12.30 -4.43 -18.35
N TYR A 667 11.82 -3.52 -19.20
CA TYR A 667 11.77 -3.78 -20.63
C TYR A 667 13.19 -3.99 -21.18
N GLY A 668 14.11 -3.15 -20.72
CA GLY A 668 15.49 -3.23 -21.18
C GLY A 668 16.24 -4.50 -20.80
N THR A 669 15.80 -5.19 -19.76
CA THR A 669 16.48 -6.42 -19.31
C THR A 669 15.79 -7.69 -19.78
N LEU A 670 14.48 -7.64 -19.97
CA LEU A 670 13.72 -8.82 -20.44
C LEU A 670 13.83 -9.00 -21.94
N PHE A 671 13.93 -7.88 -22.66
CA PHE A 671 13.99 -7.91 -24.11
C PHE A 671 15.30 -7.26 -24.53
N THR A 672 16.35 -8.05 -24.54
CA THR A 672 17.64 -7.57 -25.00
C THR A 672 17.70 -7.73 -26.52
N ASP A 673 16.94 -6.87 -27.19
CA ASP A 673 16.76 -6.94 -28.65
C ASP A 673 17.65 -5.90 -29.32
C1 PEG B . -4.61 10.39 -26.65
O1 PEG B . -5.64 10.58 -27.62
C2 PEG B . -4.61 11.60 -25.71
O2 PEG B . -3.26 11.99 -25.44
C3 PEG B . -3.15 13.07 -24.49
C4 PEG B . -3.35 14.41 -25.19
O4 PEG B . -4.36 15.14 -24.53
C1 PEG C . -1.08 8.54 32.37
O1 PEG C . -0.75 7.72 31.26
C2 PEG C . -2.54 9.07 32.24
O2 PEG C . -2.52 10.48 31.98
C3 PEG C . -3.57 11.24 32.63
C4 PEG C . -4.85 11.21 31.79
O4 PEG C . -5.25 12.53 31.45
C1 PEG D . -27.38 -10.69 -4.79
O1 PEG D . -27.96 -10.45 -6.07
C2 PEG D . -27.84 -9.60 -3.79
O2 PEG D . -27.04 -9.69 -2.59
C3 PEG D . -26.69 -8.41 -2.01
C4 PEG D . -25.76 -7.67 -2.97
O4 PEG D . -25.70 -6.30 -2.61
O1 PG4 E . 21.89 -10.27 -12.92
C1 PG4 E . 22.97 -9.36 -12.70
C2 PG4 E . 23.51 -8.92 -14.01
O2 PG4 E . 22.48 -8.95 -15.00
C3 PG4 E . 22.93 -8.82 -16.37
C4 PG4 E . 21.92 -9.51 -17.32
O3 PG4 E . 20.72 -8.79 -17.29
C5 PG4 E . 19.90 -8.96 -18.47
C6 PG4 E . 19.02 -10.17 -18.32
O4 PG4 E . 18.17 -10.04 -17.17
C7 PG4 E . 17.08 -10.98 -17.14
C8 PG4 E . 16.09 -10.59 -16.08
O5 PG4 E . 16.63 -10.80 -14.79
O22 P33 F . -17.13 -25.12 -3.16
C21 P33 F . -17.17 -25.54 -1.80
C20 P33 F . -17.87 -24.49 -0.93
O19 P33 F . -18.69 -23.66 -1.68
C18 P33 F . -18.97 -22.45 -1.01
C17 P33 F . -20.43 -22.09 -1.10
O16 P33 F . -21.00 -22.00 0.20
C15 P33 F . -21.19 -20.68 0.79
C14 P33 F . -20.65 -20.78 2.23
O13 P33 F . -20.64 -19.55 2.96
C12 P33 F . -20.09 -19.67 4.28
C11 P33 F . -18.62 -20.13 4.15
O10 P33 F . -17.99 -20.65 5.37
C9 P33 F . -16.56 -20.87 5.23
C8 P33 F . -16.25 -22.23 4.55
O7 P33 F . -15.06 -22.16 3.76
C6 P33 F . -14.98 -23.11 2.70
C5 P33 F . -14.77 -22.41 1.34
O4 P33 F . -14.51 -23.35 0.30
C3 P33 F . -14.54 -22.83 -1.03
C2 P33 F . -13.36 -23.37 -1.89
O1 P33 F . -13.75 -24.47 -2.71
O1 PG4 G . 20.84 8.70 -1.51
C1 PG4 G . 19.54 9.23 -1.22
C2 PG4 G . 19.67 10.53 -0.54
O2 PG4 G . 20.49 10.37 0.64
C3 PG4 G . 20.63 11.56 1.46
C4 PG4 G . 21.44 11.20 2.72
O3 PG4 G . 22.74 10.87 2.32
C5 PG4 G . 23.65 10.72 3.44
C6 PG4 G . 25.05 10.46 2.94
O4 PG4 G . 25.09 9.18 2.27
C7 PG4 G . 26.37 8.77 1.78
C8 PG4 G . 26.44 8.98 0.29
O5 PG4 G . 25.76 7.93 -0.38
C1 PGE H . 12.74 -8.36 15.60
O1 PGE H . 14.17 -8.19 15.55
C2 PGE H . 12.10 -7.14 16.30
O2 PGE H . 12.36 -5.97 15.52
C3 PGE H . 11.77 -4.86 16.20
C4 PGE H . 11.94 -3.61 15.34
O4 PGE H . 15.94 -2.74 14.26
C6 PGE H . 14.97 -1.71 14.55
C5 PGE H . 13.56 -2.25 14.35
O3 PGE H . 13.33 -3.29 15.30
C1 PGE I . -4.20 -0.21 30.49
O1 PGE I . -4.75 1.07 30.80
C2 PGE I . -5.23 -1.07 29.73
O2 PGE I . -5.70 -0.36 28.58
C3 PGE I . -6.14 -1.35 27.65
C4 PGE I . -7.45 -0.94 26.99
O4 PGE I . -6.45 0.68 22.78
C6 PGE I . -7.31 0.58 23.92
C5 PGE I . -6.51 0.11 25.14
O3 PGE I . -7.30 0.32 26.33
C1 PGE J . -6.41 -6.34 25.52
O1 PGE J . -6.58 -7.32 26.55
C2 PGE J . -5.51 -5.19 26.01
O2 PGE J . -6.00 -3.92 25.51
C3 PGE J . -6.23 -4.07 24.11
C4 PGE J . -7.13 -2.97 23.52
O4 PGE J . -9.07 -2.33 19.68
C6 PGE J . -7.66 -2.19 19.93
C5 PGE J . -7.38 -1.99 21.42
O3 PGE J . -7.36 -3.24 22.14
OH2 1PE K . -10.64 5.65 7.28
C12 1PE K . -10.33 5.10 5.97
C22 1PE K . -9.86 3.64 6.13
OH3 1PE K . -8.50 3.60 6.62
C13 1PE K . -6.86 2.44 8.00
C23 1PE K . -8.05 2.30 7.04
OH4 1PE K . -7.32 2.52 9.31
C14 1PE K . -6.88 2.27 11.63
C24 1PE K . -6.30 2.56 10.29
OH5 1PE K . -6.50 0.96 12.03
C15 1PE K . -7.29 0.80 14.29
C25 1PE K . -6.06 0.84 13.37
OH6 1PE K . -6.83 0.92 15.66
C16 1PE K . -7.19 1.33 18.06
C26 1PE K . -7.87 1.17 16.65
OH7 1PE K . -6.93 2.70 18.32
C1 PEG L . -12.30 5.09 -25.66
O1 PEG L . -12.99 5.53 -26.83
C2 PEG L . -11.81 3.63 -25.79
O2 PEG L . -10.37 3.58 -25.87
C3 PEG L . -9.90 2.68 -26.90
C4 PEG L . -8.48 3.02 -27.30
O4 PEG L . -8.24 2.45 -28.58
C1 PGE M . -7.35 6.03 1.67
O1 PGE M . -6.97 6.69 0.47
C2 PGE M . -6.12 5.29 2.23
O2 PGE M . -6.50 4.44 3.32
C3 PGE M . -5.34 3.66 3.59
C4 PGE M . -5.09 3.54 5.09
O4 PGE M . -2.89 0.17 4.68
C6 PGE M . -2.70 0.90 5.91
C5 PGE M . -3.88 1.85 6.17
O3 PGE M . -3.78 3.00 5.31
C1 PEG N . 21.17 -15.38 2.23
O1 PEG N . 21.77 -16.45 1.49
C2 PEG N . 20.49 -15.93 3.51
O2 PEG N . 20.43 -14.87 4.49
C3 PEG N . 20.28 -15.32 5.85
C4 PEG N . 21.61 -15.87 6.35
O4 PEG N . 22.42 -14.81 6.81
C1 EDO O . -19.86 -4.44 26.65
O1 EDO O . -19.14 -5.60 26.19
C2 EDO O . -19.27 -4.01 27.98
O2 EDO O . -17.89 -3.66 27.79
C1 EDO P . 16.92 -19.75 -4.52
O1 EDO P . 17.24 -19.27 -3.21
C2 EDO P . 16.59 -21.23 -4.42
O2 EDO P . 15.32 -21.47 -5.03
C1 EDO Q . -18.83 3.80 -4.35
O1 EDO Q . -18.30 4.00 -3.03
C2 EDO Q . -17.99 4.55 -5.36
O2 EDO Q . -18.78 5.53 -6.03
C1 EDO R . -20.79 2.48 20.28
O1 EDO R . -19.62 3.24 19.99
C2 EDO R . -20.84 1.35 19.28
O2 EDO R . -19.49 1.03 18.95
C1 EDO S . 4.14 -5.27 35.02
O1 EDO S . 4.07 -4.05 34.28
C2 EDO S . 5.17 -6.17 34.35
O2 EDO S . 6.24 -5.34 33.90
C1 EDO T . -22.38 14.36 19.41
O1 EDO T . -21.19 14.74 20.12
C2 EDO T . -22.74 15.50 18.47
O2 EDO T . -21.54 15.92 17.85
C1 EDO U . -4.26 -22.55 -23.12
O1 EDO U . -3.26 -21.84 -22.39
C2 EDO U . -5.58 -21.82 -22.94
O2 EDO U . -5.21 -20.48 -22.60
C1 EDO V . 11.58 -19.06 -16.26
O1 EDO V . 10.82 -20.08 -15.61
C2 EDO V . 12.18 -18.11 -15.23
O2 EDO V . 13.07 -17.18 -15.87
S SO4 W . 5.63 27.17 12.11
O1 SO4 W . 6.22 25.83 12.09
O2 SO4 W . 5.39 27.63 10.75
O3 SO4 W . 4.36 27.12 12.83
O4 SO4 W . 6.54 28.10 12.79
CA CA X . 13.78 15.04 8.59
#